data_7W6B
#
_entry.id   7W6B
#
_cell.length_a   52.271
_cell.length_b   422.928
_cell.length_c   48.391
_cell.angle_alpha   90.000
_cell.angle_beta   90.000
_cell.angle_gamma   90.000
#
_symmetry.space_group_name_H-M   'P 21 21 2'
#
loop_
_entity.id
_entity.type
_entity.pdbx_description
1 polymer 'von Willebrand factor type A domain protein'
2 non-polymer 'MAGNESIUM ION'
3 non-polymer 'IODIDE ION'
4 non-polymer 'CALCIUM ION'
5 water water
#
_entity_poly.entity_id   1
_entity_poly.type   'polypeptide(L)'
_entity_poly.pdbx_seq_one_letter_code
;DSTTEPQTTLHKTITPISGQDDKYELSLDITSKLGTETQTDPLDVVLVADLSGSMQNQDVQSFDGRTISRIDALKNTLRG
TNGRKGLIDTILSNSNNRLSMVGFGGKIDNKKVDQYWDGNKWRLFRPYWPYERMTKYYDGVSPWDDANTILGWSNNARAA
KTAVYNMSIAGGNSIGTESGIGTGTNIGAGLTLANQLMGSARSNAKKVVILLSDGFANMVYDANGYTIYNYNNEDPNIET
APQWFWDRLNNNLNSLSYSLAPTLDGFYSIKFRYSNNVDSITSLQYYMRQHNASIPNEIFSANDEDQLRDSFKDITDKIL
PLGIHHVSIKDVLSKYVQLLPNGSSEFRVVKEKDGSSEILTENQVTFDTKTTSEGLVEVTAKFSPNYSLEDGARYVLKFT
VTSSQEALDAIAGDKKLEAGDAEGSDVNKLYSNKGASVTYSYGIGNSQTKTKEYSDNPTFKPSDPLTVPVEVEWQGVTGA
RTVITADQPSNVELKLVQKNKNGGSDNQDYRKTNVNVSKNVSNETRNFEKVAKGYQYDLIAPDVPAFTKEIKNVGTESNP
SFKVIYKQLPSLTIKKVLEAENNLNKEFRIKVKLTSPDSKPLNGTFGEITVVNGEAEIRVEKRKRWRGILSYLPRGTHYK
VEEEAASTNGYHVTYENQEGDLNKDETSTVTNHKLPSLSVTKKVTGVFANLLKSFKITINIRDAQNSPLNGTYTATVNNK
RTPLQFTNGRASIDLNKDQTIKIDGLPLDSHYTVEEETNSSRGYQVSYENQEGKLDGDKSATVTNNKNSVPET
;
_entity_poly.pdbx_strand_id   A
#
# COMPACT_ATOMS: atom_id res chain seq x y z
N PRO A 6 -5.83 -41.08 0.34
CA PRO A 6 -4.85 -42.17 0.50
C PRO A 6 -3.45 -41.72 0.12
N GLN A 7 -3.23 -41.40 -1.16
CA GLN A 7 -1.94 -40.89 -1.62
C GLN A 7 -2.12 -39.47 -2.16
N THR A 8 -1.19 -38.59 -1.79
CA THR A 8 -1.29 -37.17 -2.07
C THR A 8 0.06 -36.63 -2.57
N THR A 9 0.03 -35.71 -3.55
CA THR A 9 1.22 -35.09 -4.11
C THR A 9 1.18 -33.59 -3.86
N LEU A 10 2.19 -33.06 -3.15
CA LEU A 10 2.21 -31.66 -2.72
C LEU A 10 3.37 -30.92 -3.40
N HIS A 11 3.05 -29.85 -4.15
CA HIS A 11 4.07 -29.02 -4.76
C HIS A 11 3.73 -27.54 -4.60
N LYS A 12 4.76 -26.73 -4.37
CA LYS A 12 4.61 -25.29 -4.21
C LYS A 12 5.80 -24.59 -4.88
N THR A 13 5.54 -23.55 -5.66
CA THR A 13 6.58 -22.74 -6.28
C THR A 13 6.24 -21.25 -6.18
N ILE A 14 7.21 -20.37 -6.47
CA ILE A 14 6.94 -18.94 -6.61
C ILE A 14 7.46 -18.52 -7.99
N THR A 15 6.57 -18.01 -8.85
CA THR A 15 6.95 -17.70 -10.23
C THR A 15 6.90 -16.19 -10.45
N PRO A 16 7.98 -15.58 -10.97
CA PRO A 16 7.97 -14.15 -11.25
C PRO A 16 7.01 -13.75 -12.36
N ILE A 17 6.03 -12.88 -12.07
CA ILE A 17 5.16 -12.34 -13.12
C ILE A 17 6.02 -11.46 -13.99
N SER A 18 6.33 -11.92 -15.21
CA SER A 18 7.29 -11.20 -16.03
C SER A 18 6.74 -9.83 -16.43
N GLY A 19 7.63 -8.82 -16.34
CA GLY A 19 7.31 -7.44 -16.67
C GLY A 19 6.37 -6.79 -15.66
N GLN A 20 6.36 -7.32 -14.44
CA GLN A 20 5.76 -6.65 -13.30
C GLN A 20 6.80 -6.71 -12.20
N ASP A 21 7.36 -5.53 -11.88
CA ASP A 21 8.43 -5.40 -10.90
C ASP A 21 7.89 -5.80 -9.55
N ASP A 22 8.57 -6.75 -8.91
CA ASP A 22 8.33 -7.09 -7.53
C ASP A 22 6.99 -7.81 -7.34
N LYS A 23 6.41 -8.32 -8.43
CA LYS A 23 5.20 -9.12 -8.30
C LYS A 23 5.50 -10.57 -8.66
N TYR A 24 5.08 -11.49 -7.80
CA TYR A 24 5.30 -12.91 -8.02
C TYR A 24 3.95 -13.64 -7.89
N GLU A 25 3.91 -14.91 -8.30
CA GLU A 25 2.75 -15.77 -8.06
C GLU A 25 3.15 -17.01 -7.28
N LEU A 26 2.46 -17.25 -6.17
CA LEU A 26 2.66 -18.49 -5.44
C LEU A 26 1.64 -19.53 -5.92
N SER A 27 2.11 -20.77 -6.11
CA SER A 27 1.23 -21.83 -6.58
C SER A 27 1.35 -23.04 -5.68
N LEU A 28 0.29 -23.33 -4.92
CA LEU A 28 0.26 -24.45 -4.01
C LEU A 28 -0.73 -25.49 -4.52
N ASP A 29 -0.23 -26.60 -5.08
CA ASP A 29 -1.08 -27.63 -5.65
C ASP A 29 -1.11 -28.89 -4.79
N ILE A 30 -2.16 -29.70 -4.96
CA ILE A 30 -2.28 -31.04 -4.38
C ILE A 30 -2.99 -31.95 -5.37
N THR A 31 -2.57 -33.23 -5.45
CA THR A 31 -3.16 -34.20 -6.37
C THR A 31 -3.48 -35.48 -5.60
N SER A 32 -4.75 -35.93 -5.67
CA SER A 32 -5.22 -37.11 -4.95
C SER A 32 -5.00 -38.37 -5.78
N LYS A 33 -4.69 -39.50 -5.11
CA LYS A 33 -4.54 -40.79 -5.77
C LYS A 33 -4.94 -41.92 -4.83
N LEU A 34 -5.78 -42.85 -5.36
CA LEU A 34 -6.25 -44.02 -4.63
C LEU A 34 -5.60 -45.26 -5.24
N GLY A 35 -5.86 -45.45 -6.53
CA GLY A 35 -5.36 -46.61 -7.28
C GLY A 35 -6.51 -47.48 -7.80
N THR A 36 -7.45 -47.79 -6.90
CA THR A 36 -8.56 -48.70 -7.19
C THR A 36 -9.89 -48.07 -6.75
N GLU A 37 -10.76 -48.84 -6.10
CA GLU A 37 -12.12 -48.38 -5.86
C GLU A 37 -12.22 -47.76 -4.47
N THR A 38 -11.76 -48.54 -3.48
CA THR A 38 -11.75 -48.15 -2.08
C THR A 38 -10.42 -48.63 -1.49
N GLN A 39 -10.02 -48.05 -0.36
CA GLN A 39 -8.85 -48.56 0.34
C GLN A 39 -9.27 -49.71 1.26
N THR A 40 -9.93 -50.72 0.66
CA THR A 40 -10.51 -51.87 1.34
C THR A 40 -11.28 -51.42 2.57
N ASP A 41 -12.33 -50.62 2.32
CA ASP A 41 -13.28 -50.20 3.34
C ASP A 41 -14.68 -50.57 2.85
N PRO A 42 -15.10 -51.85 3.02
CA PRO A 42 -16.31 -52.34 2.39
C PRO A 42 -17.49 -51.64 3.04
N LEU A 43 -18.57 -51.47 2.28
CA LEU A 43 -19.75 -50.85 2.82
C LEU A 43 -20.80 -51.91 3.13
N ASP A 44 -21.53 -51.67 4.23
CA ASP A 44 -22.73 -52.41 4.58
C ASP A 44 -23.86 -51.38 4.70
N VAL A 45 -24.73 -51.35 3.69
CA VAL A 45 -25.72 -50.30 3.55
C VAL A 45 -27.11 -50.91 3.71
N VAL A 46 -27.91 -50.28 4.57
CA VAL A 46 -29.27 -50.72 4.82
C VAL A 46 -30.22 -49.59 4.43
N LEU A 47 -31.11 -49.90 3.50
CA LEU A 47 -32.15 -48.96 3.10
C LEU A 47 -33.42 -49.31 3.88
N VAL A 48 -34.00 -48.31 4.54
CA VAL A 48 -35.29 -48.43 5.23
C VAL A 48 -36.29 -47.59 4.45
N ALA A 49 -37.31 -48.24 3.87
CA ALA A 49 -38.26 -47.57 2.98
C ALA A 49 -39.67 -47.58 3.58
N ASP A 50 -40.30 -46.39 3.61
CA ASP A 50 -41.71 -46.24 3.92
C ASP A 50 -42.53 -46.97 2.84
N LEU A 51 -43.34 -47.94 3.28
CA LEU A 51 -44.22 -48.67 2.36
C LEU A 51 -45.68 -48.41 2.72
N SER A 52 -45.92 -47.27 3.37
CA SER A 52 -47.24 -46.90 3.84
C SER A 52 -48.16 -46.63 2.64
N GLY A 53 -49.46 -46.53 2.94
CA GLY A 53 -50.48 -46.28 1.94
C GLY A 53 -50.27 -44.95 1.24
N SER A 54 -49.82 -43.94 2.00
CA SER A 54 -49.61 -42.60 1.48
C SER A 54 -48.46 -42.57 0.47
N MET A 55 -47.64 -43.62 0.44
CA MET A 55 -46.48 -43.66 -0.44
C MET A 55 -46.86 -44.20 -1.82
N GLN A 56 -48.16 -44.40 -2.06
CA GLN A 56 -48.64 -44.76 -3.39
C GLN A 56 -49.34 -43.57 -4.06
N ASN A 57 -49.42 -42.44 -3.34
CA ASN A 57 -49.93 -41.17 -3.85
C ASN A 57 -49.26 -40.80 -5.16
N GLN A 58 -50.04 -40.72 -6.24
CA GLN A 58 -49.52 -40.27 -7.51
C GLN A 58 -49.42 -38.74 -7.51
N ASP A 59 -48.36 -38.20 -6.90
CA ASP A 59 -48.19 -36.77 -6.76
C ASP A 59 -46.74 -36.36 -6.97
N VAL A 60 -45.96 -37.20 -7.68
CA VAL A 60 -44.53 -36.98 -7.87
C VAL A 60 -44.23 -36.75 -9.36
N GLN A 61 -43.67 -35.58 -9.66
CA GLN A 61 -43.21 -35.23 -10.99
C GLN A 61 -41.96 -36.05 -11.33
N SER A 62 -42.03 -36.80 -12.43
CA SER A 62 -40.91 -37.62 -12.90
C SER A 62 -40.01 -36.81 -13.84
N PHE A 63 -38.80 -37.34 -14.12
CA PHE A 63 -37.79 -36.68 -14.92
C PHE A 63 -38.30 -36.44 -16.34
N ASP A 64 -39.28 -37.24 -16.76
CA ASP A 64 -39.79 -37.24 -18.13
C ASP A 64 -41.04 -36.36 -18.23
N GLY A 65 -41.45 -35.76 -17.10
CA GLY A 65 -42.50 -34.76 -17.11
C GLY A 65 -43.88 -35.31 -16.71
N ARG A 66 -43.96 -36.62 -16.49
CA ARG A 66 -45.20 -37.24 -16.03
C ARG A 66 -45.22 -37.26 -14.50
N THR A 67 -46.43 -37.15 -13.93
CA THR A 67 -46.60 -37.43 -12.52
C THR A 67 -46.81 -38.94 -12.35
N ILE A 68 -46.03 -39.54 -11.46
CA ILE A 68 -46.13 -40.97 -11.15
C ILE A 68 -46.36 -41.10 -9.65
N SER A 69 -46.42 -42.34 -9.14
CA SER A 69 -46.56 -42.60 -7.71
C SER A 69 -45.18 -42.53 -7.05
N ARG A 70 -45.17 -42.31 -5.73
CA ARG A 70 -43.93 -42.23 -4.96
C ARG A 70 -43.21 -43.58 -5.04
N ILE A 71 -43.96 -44.69 -4.96
CA ILE A 71 -43.41 -46.02 -5.11
C ILE A 71 -42.77 -46.13 -6.49
N ASP A 72 -43.50 -45.68 -7.51
CA ASP A 72 -43.01 -45.72 -8.88
C ASP A 72 -41.73 -44.91 -9.00
N ALA A 73 -41.71 -43.72 -8.37
CA ALA A 73 -40.58 -42.80 -8.41
C ALA A 73 -39.33 -43.51 -7.89
N LEU A 74 -39.39 -44.00 -6.65
CA LEU A 74 -38.24 -44.63 -6.01
C LEU A 74 -37.92 -45.99 -6.63
N LYS A 75 -38.89 -46.59 -7.35
CA LYS A 75 -38.65 -47.81 -8.10
C LYS A 75 -37.60 -47.52 -9.18
N ASN A 76 -37.60 -46.27 -9.67
CA ASN A 76 -36.64 -45.84 -10.68
C ASN A 76 -35.37 -45.30 -10.03
N THR A 77 -35.48 -44.59 -8.90
CA THR A 77 -34.34 -43.90 -8.32
C THR A 77 -33.31 -44.90 -7.79
N LEU A 78 -33.76 -46.10 -7.42
CA LEU A 78 -32.88 -47.09 -6.83
C LEU A 78 -32.34 -48.03 -7.91
N ARG A 79 -33.24 -48.69 -8.64
CA ARG A 79 -32.88 -49.71 -9.61
C ARG A 79 -32.19 -49.08 -10.82
N GLY A 80 -32.72 -47.94 -11.27
CA GLY A 80 -32.17 -47.19 -12.38
C GLY A 80 -33.07 -47.30 -13.60
N THR A 81 -33.39 -46.15 -14.23
CA THR A 81 -34.22 -46.14 -15.42
C THR A 81 -33.40 -46.69 -16.59
N ASN A 82 -33.55 -48.01 -16.83
CA ASN A 82 -32.82 -48.74 -17.86
C ASN A 82 -31.31 -48.52 -17.70
N GLY A 83 -30.73 -49.13 -16.65
CA GLY A 83 -29.30 -49.08 -16.41
C GLY A 83 -28.78 -47.66 -16.21
N ARG A 84 -29.68 -46.72 -15.90
CA ARG A 84 -29.30 -45.39 -15.47
C ARG A 84 -28.63 -45.52 -14.11
N LYS A 85 -27.68 -44.63 -13.81
CA LYS A 85 -26.93 -44.72 -12.56
C LYS A 85 -27.91 -44.62 -11.38
N GLY A 86 -28.28 -45.77 -10.82
CA GLY A 86 -29.22 -45.80 -9.71
C GLY A 86 -28.50 -46.16 -8.42
N LEU A 87 -29.18 -45.94 -7.27
CA LEU A 87 -28.55 -46.14 -5.96
C LEU A 87 -28.01 -47.58 -5.84
N ILE A 88 -28.80 -48.55 -6.30
CA ILE A 88 -28.42 -49.97 -6.25
C ILE A 88 -27.07 -50.12 -6.94
N ASP A 89 -27.08 -49.85 -8.25
CA ASP A 89 -25.90 -49.99 -9.08
C ASP A 89 -24.72 -49.28 -8.40
N THR A 90 -24.95 -48.03 -8.00
CA THR A 90 -23.93 -47.19 -7.40
C THR A 90 -23.21 -47.96 -6.30
N ILE A 91 -23.98 -48.46 -5.34
CA ILE A 91 -23.43 -49.07 -4.14
C ILE A 91 -22.73 -50.37 -4.50
N LEU A 92 -23.37 -51.19 -5.34
CA LEU A 92 -22.86 -52.53 -5.64
C LEU A 92 -21.88 -52.50 -6.81
N SER A 93 -21.45 -51.31 -7.23
CA SER A 93 -20.42 -51.18 -8.26
C SER A 93 -19.14 -51.83 -7.77
N ASN A 94 -18.88 -51.68 -6.46
CA ASN A 94 -17.77 -52.27 -5.75
C ASN A 94 -18.21 -53.64 -5.22
N SER A 95 -17.44 -54.68 -5.53
CA SER A 95 -17.86 -56.05 -5.26
C SER A 95 -17.81 -56.39 -3.76
N ASN A 96 -17.03 -55.60 -3.00
CA ASN A 96 -16.94 -55.69 -1.55
C ASN A 96 -18.20 -55.17 -0.89
N ASN A 97 -18.93 -54.32 -1.61
CA ASN A 97 -20.10 -53.66 -1.08
C ASN A 97 -21.28 -54.61 -1.16
N ARG A 98 -22.09 -54.64 -0.09
CA ARG A 98 -23.35 -55.37 -0.03
C ARG A 98 -24.41 -54.48 0.63
N LEU A 99 -25.67 -54.71 0.25
CA LEU A 99 -26.76 -53.86 0.68
C LEU A 99 -27.92 -54.73 1.14
N SER A 100 -28.67 -54.21 2.12
CA SER A 100 -29.93 -54.80 2.55
C SER A 100 -31.04 -53.78 2.35
N MET A 101 -32.23 -54.25 1.97
CA MET A 101 -33.37 -53.34 1.84
C MET A 101 -34.48 -53.76 2.80
N VAL A 102 -35.21 -52.78 3.35
CA VAL A 102 -36.27 -53.02 4.33
C VAL A 102 -37.45 -52.10 4.00
N GLY A 103 -38.67 -52.66 4.10
CA GLY A 103 -39.88 -51.87 3.90
C GLY A 103 -40.79 -51.91 5.14
N PHE A 104 -41.27 -50.74 5.57
CA PHE A 104 -42.05 -50.65 6.80
C PHE A 104 -43.47 -50.15 6.52
N GLY A 105 -44.46 -50.75 7.19
CA GLY A 105 -45.85 -50.33 7.11
C GLY A 105 -46.71 -51.00 8.16
N GLY A 106 -47.49 -50.19 8.89
CA GLY A 106 -48.16 -50.64 10.10
C GLY A 106 -49.59 -51.11 9.87
N LYS A 107 -50.00 -52.09 10.70
CA LYS A 107 -51.35 -52.65 10.78
C LYS A 107 -51.90 -52.33 12.17
N ILE A 108 -53.23 -52.11 12.27
CA ILE A 108 -53.83 -51.70 13.53
C ILE A 108 -54.15 -52.92 14.40
N ASP A 109 -53.22 -53.25 15.31
CA ASP A 109 -53.35 -54.38 16.22
C ASP A 109 -54.28 -54.05 17.38
N ASN A 110 -54.60 -52.76 17.55
CA ASN A 110 -55.37 -52.28 18.70
C ASN A 110 -56.78 -51.85 18.26
N LYS A 111 -57.72 -51.79 19.23
CA LYS A 111 -59.09 -51.35 19.00
C LYS A 111 -59.31 -49.94 19.55
N LYS A 112 -60.30 -49.23 18.96
CA LYS A 112 -60.60 -47.84 19.26
C LYS A 112 -61.61 -47.70 20.40
N VAL A 113 -62.80 -48.31 20.20
CA VAL A 113 -63.92 -48.26 21.12
C VAL A 113 -64.83 -49.43 20.76
N ASP A 114 -65.23 -50.19 21.77
CA ASP A 114 -66.02 -51.39 21.55
C ASP A 114 -67.50 -51.04 21.63
N GLN A 115 -68.33 -51.82 20.92
CA GLN A 115 -69.77 -51.61 20.83
C GLN A 115 -70.46 -52.91 21.19
N TYR A 116 -71.78 -52.86 21.40
CA TYR A 116 -72.56 -54.02 21.81
C TYR A 116 -73.62 -54.35 20.77
N TRP A 117 -73.39 -55.43 20.01
CA TRP A 117 -74.39 -55.98 19.09
C TRP A 117 -75.15 -57.05 19.84
N ASP A 118 -76.40 -56.74 20.23
CA ASP A 118 -77.25 -57.67 20.97
C ASP A 118 -78.20 -58.39 20.01
N GLY A 119 -77.74 -58.61 18.78
CA GLY A 119 -78.56 -59.15 17.72
C GLY A 119 -79.58 -58.13 17.21
N ASN A 120 -79.34 -56.84 17.53
CA ASN A 120 -80.27 -55.77 17.24
C ASN A 120 -79.52 -54.53 16.77
N LYS A 121 -78.72 -53.92 17.66
CA LYS A 121 -78.12 -52.64 17.37
C LYS A 121 -76.72 -52.59 17.99
N TRP A 122 -75.83 -51.80 17.36
CA TRP A 122 -74.48 -51.56 17.83
C TRP A 122 -74.30 -50.07 18.12
N ARG A 123 -74.22 -49.73 19.41
CA ARG A 123 -73.79 -48.40 19.85
C ARG A 123 -72.60 -48.55 20.79
N LEU A 124 -71.81 -47.46 20.92
CA LEU A 124 -70.54 -47.44 21.65
C LEU A 124 -70.80 -47.82 23.11
N PHE A 125 -70.01 -48.77 23.63
CA PHE A 125 -70.25 -49.36 24.95
C PHE A 125 -69.06 -49.15 25.88
N ARG A 126 -67.87 -49.55 25.41
CA ARG A 126 -66.64 -49.46 26.18
C ARG A 126 -65.59 -48.65 25.41
N PRO A 127 -65.36 -47.34 25.74
CA PRO A 127 -64.33 -46.55 25.07
C PRO A 127 -62.91 -46.95 25.48
N TYR A 128 -61.97 -46.96 24.52
CA TYR A 128 -60.59 -47.31 24.78
C TYR A 128 -59.63 -46.23 24.28
N TRP A 129 -60.05 -45.44 23.28
CA TRP A 129 -59.17 -44.54 22.54
C TRP A 129 -58.24 -43.75 23.46
N PRO A 130 -58.74 -42.96 24.44
CA PRO A 130 -57.86 -42.32 25.42
C PRO A 130 -57.55 -43.37 26.49
N TYR A 131 -56.39 -43.99 26.38
CA TYR A 131 -56.06 -45.11 27.25
C TYR A 131 -55.53 -44.64 28.61
N GLU A 132 -56.37 -44.77 29.65
CA GLU A 132 -55.86 -44.58 30.99
C GLU A 132 -55.34 -45.92 31.51
N ARG A 133 -54.42 -46.50 30.72
CA ARG A 133 -53.84 -47.82 30.88
C ARG A 133 -54.88 -48.93 30.66
N MET A 134 -55.75 -48.80 29.64
CA MET A 134 -56.70 -49.84 29.29
C MET A 134 -57.00 -49.85 27.78
N THR A 135 -56.22 -50.62 27.01
CA THR A 135 -56.50 -50.94 25.61
C THR A 135 -56.58 -52.46 25.47
N LYS A 136 -57.37 -52.97 24.52
CA LYS A 136 -57.78 -54.37 24.58
C LYS A 136 -57.31 -55.19 23.37
N TYR A 137 -56.97 -54.52 22.27
CA TYR A 137 -56.48 -55.17 21.06
C TYR A 137 -57.58 -56.01 20.40
N TYR A 138 -57.15 -56.94 19.53
CA TYR A 138 -57.97 -57.98 18.91
C TYR A 138 -57.39 -59.35 19.25
N ASP A 139 -57.96 -60.42 18.69
CA ASP A 139 -57.52 -61.76 18.98
C ASP A 139 -56.67 -62.28 17.83
N GLY A 140 -55.53 -62.91 18.16
CA GLY A 140 -54.74 -63.65 17.20
C GLY A 140 -53.78 -62.79 16.38
N VAL A 141 -53.85 -61.45 16.57
CA VAL A 141 -53.01 -60.47 15.91
C VAL A 141 -51.55 -60.89 16.10
N SER A 142 -50.70 -60.58 15.11
CA SER A 142 -49.31 -60.94 15.23
C SER A 142 -48.52 -59.75 15.77
N PRO A 143 -47.57 -59.97 16.72
CA PRO A 143 -46.64 -58.92 17.13
C PRO A 143 -45.54 -58.82 16.07
N TRP A 144 -44.72 -57.77 16.13
CA TRP A 144 -43.56 -57.61 15.27
C TRP A 144 -43.90 -57.99 13.83
N ASP A 145 -44.89 -57.33 13.23
CA ASP A 145 -45.34 -57.73 11.91
C ASP A 145 -45.55 -56.52 11.01
N ASP A 146 -44.98 -55.37 11.40
CA ASP A 146 -45.17 -54.14 10.67
C ASP A 146 -43.96 -53.81 9.78
N ALA A 147 -43.12 -54.81 9.49
CA ALA A 147 -41.96 -54.58 8.64
C ALA A 147 -41.39 -55.92 8.16
N ASN A 148 -40.88 -55.91 6.92
CA ASN A 148 -40.07 -57.03 6.45
C ASN A 148 -38.82 -56.59 5.71
N THR A 149 -37.78 -57.42 5.88
CA THR A 149 -36.58 -57.49 5.06
C THR A 149 -37.00 -57.83 3.63
N ILE A 150 -36.92 -56.84 2.74
CA ILE A 150 -37.16 -57.03 1.30
C ILE A 150 -35.97 -57.79 0.70
N LEU A 151 -34.76 -57.53 1.22
CA LEU A 151 -33.53 -58.12 0.72
C LEU A 151 -32.52 -58.24 1.87
N GLY A 152 -32.07 -59.47 2.16
CA GLY A 152 -30.98 -59.74 3.08
C GLY A 152 -29.65 -59.34 2.45
N TRP A 153 -28.57 -59.40 3.23
CA TRP A 153 -27.25 -58.95 2.78
C TRP A 153 -26.88 -59.55 1.43
N SER A 154 -26.74 -58.71 0.40
CA SER A 154 -26.57 -59.16 -0.96
C SER A 154 -25.68 -58.21 -1.74
N ASN A 155 -24.74 -58.79 -2.50
CA ASN A 155 -23.88 -58.05 -3.41
C ASN A 155 -24.32 -58.30 -4.85
N ASN A 156 -25.49 -58.93 -5.01
CA ASN A 156 -26.07 -59.28 -6.29
C ASN A 156 -27.05 -58.19 -6.72
N ALA A 157 -26.61 -57.33 -7.65
CA ALA A 157 -27.31 -56.13 -8.09
C ALA A 157 -28.59 -56.47 -8.84
N ARG A 158 -28.56 -57.59 -9.57
CA ARG A 158 -29.70 -58.07 -10.34
C ARG A 158 -30.83 -58.49 -9.42
N ALA A 159 -30.50 -59.26 -8.38
CA ALA A 159 -31.45 -59.74 -7.38
C ALA A 159 -32.10 -58.56 -6.66
N ALA A 160 -31.28 -57.54 -6.37
CA ALA A 160 -31.70 -56.34 -5.66
C ALA A 160 -32.65 -55.51 -6.51
N LYS A 161 -32.38 -55.43 -7.82
CA LYS A 161 -33.18 -54.66 -8.78
C LYS A 161 -34.58 -55.28 -8.90
N THR A 162 -34.60 -56.61 -8.83
CA THR A 162 -35.83 -57.40 -8.80
C THR A 162 -36.58 -57.14 -7.50
N ALA A 163 -35.86 -57.10 -6.36
CA ALA A 163 -36.50 -56.89 -5.07
C ALA A 163 -37.18 -55.53 -5.00
N VAL A 164 -36.51 -54.51 -5.57
CA VAL A 164 -37.03 -53.14 -5.63
C VAL A 164 -38.26 -53.12 -6.53
N TYR A 165 -38.15 -53.85 -7.65
CA TYR A 165 -39.20 -53.95 -8.63
C TYR A 165 -40.45 -54.60 -7.99
N ASN A 166 -40.24 -55.45 -6.97
CA ASN A 166 -41.29 -56.18 -6.26
C ASN A 166 -41.83 -55.43 -5.05
N MET A 167 -41.29 -54.25 -4.76
CA MET A 167 -41.77 -53.48 -3.61
C MET A 167 -43.18 -52.96 -3.92
N SER A 168 -44.11 -53.15 -2.97
CA SER A 168 -45.51 -52.78 -3.12
C SER A 168 -46.16 -52.52 -1.75
N ILE A 169 -47.19 -51.66 -1.74
CA ILE A 169 -47.91 -51.28 -0.54
C ILE A 169 -49.02 -52.28 -0.24
N ALA A 170 -49.33 -52.45 1.06
CA ALA A 170 -50.28 -53.44 1.54
C ALA A 170 -51.69 -53.14 1.05
N GLY A 171 -52.52 -54.19 1.01
CA GLY A 171 -53.89 -54.11 0.50
C GLY A 171 -54.94 -54.34 1.59
N GLY A 172 -56.05 -53.60 1.46
CA GLY A 172 -57.13 -53.61 2.44
C GLY A 172 -56.81 -52.70 3.63
N ASN A 173 -57.87 -52.32 4.36
CA ASN A 173 -57.74 -51.70 5.67
C ASN A 173 -56.97 -52.66 6.58
N SER A 174 -55.99 -52.11 7.31
CA SER A 174 -54.93 -52.90 7.92
C SER A 174 -55.27 -53.24 9.38
N ILE A 175 -55.64 -54.50 9.61
CA ILE A 175 -55.82 -55.04 10.95
C ILE A 175 -54.68 -56.02 11.23
N GLY A 176 -54.31 -56.14 12.51
CA GLY A 176 -53.18 -56.97 12.94
C GLY A 176 -53.36 -58.44 12.56
N THR A 177 -54.61 -58.81 12.26
CA THR A 177 -54.94 -60.16 11.85
C THR A 177 -54.36 -60.41 10.46
N GLU A 178 -54.44 -59.39 9.59
CA GLU A 178 -53.97 -59.49 8.22
C GLU A 178 -52.46 -59.71 8.22
N SER A 179 -51.97 -60.48 7.24
CA SER A 179 -50.55 -60.80 7.18
C SER A 179 -49.84 -59.86 6.21
N GLY A 180 -48.51 -59.80 6.34
CA GLY A 180 -47.69 -58.82 5.63
C GLY A 180 -47.73 -57.46 6.35
N ILE A 181 -47.14 -56.45 5.71
CA ILE A 181 -47.11 -55.10 6.23
C ILE A 181 -48.50 -54.48 6.11
N GLY A 182 -48.74 -53.39 6.84
CA GLY A 182 -49.98 -52.65 6.68
C GLY A 182 -49.75 -51.35 5.91
N THR A 183 -50.69 -50.41 6.06
CA THR A 183 -50.73 -49.19 5.25
C THR A 183 -50.40 -47.97 6.11
N GLY A 184 -50.15 -48.18 7.40
CA GLY A 184 -49.79 -47.11 8.31
C GLY A 184 -48.29 -46.86 8.34
N THR A 185 -47.89 -45.79 9.03
CA THR A 185 -46.49 -45.43 9.18
C THR A 185 -45.99 -45.83 10.57
N ASN A 186 -45.34 -47.00 10.66
CA ASN A 186 -44.69 -47.38 11.90
C ASN A 186 -43.19 -47.37 11.68
N ILE A 187 -42.58 -46.17 11.79
CA ILE A 187 -41.16 -45.97 11.54
C ILE A 187 -40.33 -46.84 12.48
N GLY A 188 -40.83 -47.03 13.72
CA GLY A 188 -40.20 -47.88 14.72
C GLY A 188 -39.96 -49.31 14.21
N ALA A 189 -40.91 -49.79 13.39
CA ALA A 189 -40.90 -51.14 12.85
C ALA A 189 -39.69 -51.33 11.94
N GLY A 190 -39.51 -50.39 11.00
CA GLY A 190 -38.44 -50.44 10.01
C GLY A 190 -37.06 -50.42 10.66
N LEU A 191 -36.91 -49.55 11.67
CA LEU A 191 -35.63 -49.32 12.31
C LEU A 191 -35.24 -50.53 13.18
N THR A 192 -36.26 -51.19 13.73
CA THR A 192 -36.05 -52.36 14.55
C THR A 192 -35.33 -53.42 13.72
N LEU A 193 -35.85 -53.64 12.51
CA LEU A 193 -35.38 -54.64 11.56
C LEU A 193 -34.00 -54.26 11.04
N ALA A 194 -33.78 -52.96 10.87
CA ALA A 194 -32.50 -52.43 10.42
C ALA A 194 -31.42 -52.76 11.44
N ASN A 195 -31.76 -52.58 12.72
CA ASN A 195 -30.84 -52.83 13.82
C ASN A 195 -30.45 -54.32 13.83
N GLN A 196 -31.43 -55.19 13.57
CA GLN A 196 -31.24 -56.63 13.52
C GLN A 196 -30.24 -56.97 12.43
N LEU A 197 -30.47 -56.40 11.23
CA LEU A 197 -29.62 -56.65 10.08
C LEU A 197 -28.20 -56.16 10.37
N MET A 198 -28.12 -55.00 11.04
CA MET A 198 -26.83 -54.37 11.27
C MET A 198 -26.01 -55.18 12.26
N GLY A 199 -26.68 -55.96 13.12
CA GLY A 199 -26.01 -56.88 14.03
C GLY A 199 -25.29 -58.00 13.29
N SER A 200 -25.75 -58.28 12.06
CA SER A 200 -25.16 -59.32 11.21
C SER A 200 -24.28 -58.69 10.13
N ALA A 201 -24.10 -57.37 10.21
CA ALA A 201 -23.15 -56.68 9.35
C ALA A 201 -21.72 -57.08 9.73
N ARG A 202 -20.83 -57.07 8.73
CA ARG A 202 -19.40 -57.28 8.92
C ARG A 202 -18.87 -56.23 9.89
N SER A 203 -18.22 -56.68 10.98
CA SER A 203 -17.81 -55.75 12.03
C SER A 203 -16.44 -55.10 11.73
N ASN A 204 -16.13 -54.98 10.44
CA ASN A 204 -15.02 -54.18 9.92
C ASN A 204 -15.43 -53.53 8.60
N ALA A 205 -16.73 -53.31 8.43
CA ALA A 205 -17.25 -52.63 7.27
C ALA A 205 -17.76 -51.25 7.70
N LYS A 206 -18.25 -50.46 6.73
CA LYS A 206 -18.84 -49.17 7.00
C LYS A 206 -20.35 -49.31 7.01
N LYS A 207 -20.92 -49.40 8.22
CA LYS A 207 -22.35 -49.56 8.45
C LYS A 207 -23.06 -48.22 8.24
N VAL A 208 -23.91 -48.16 7.20
CA VAL A 208 -24.70 -46.98 6.89
C VAL A 208 -26.16 -47.37 6.63
N VAL A 209 -27.07 -46.52 7.15
CA VAL A 209 -28.51 -46.69 7.00
C VAL A 209 -29.08 -45.44 6.31
N ILE A 210 -30.01 -45.68 5.38
CA ILE A 210 -30.71 -44.64 4.67
C ILE A 210 -32.21 -44.82 4.91
N LEU A 211 -32.81 -43.87 5.65
CA LEU A 211 -34.22 -43.89 5.99
C LEU A 211 -34.98 -43.05 4.97
N LEU A 212 -36.20 -43.48 4.66
CA LEU A 212 -37.07 -42.76 3.75
C LEU A 212 -38.50 -42.81 4.29
N SER A 213 -39.12 -41.64 4.42
CA SER A 213 -40.48 -41.53 4.92
C SER A 213 -41.27 -40.53 4.08
N ASP A 214 -42.60 -40.60 4.16
CA ASP A 214 -43.43 -39.71 3.37
C ASP A 214 -44.39 -38.92 4.26
N GLY A 215 -44.50 -39.34 5.54
CA GLY A 215 -45.38 -38.73 6.52
C GLY A 215 -44.98 -39.11 7.93
N PHE A 216 -45.69 -38.56 8.92
CA PHE A 216 -45.37 -38.77 10.32
C PHE A 216 -45.84 -40.15 10.79
N ALA A 217 -45.18 -40.66 11.84
CA ALA A 217 -45.39 -42.01 12.34
C ALA A 217 -46.64 -42.07 13.23
N ASN A 218 -47.70 -42.64 12.66
CA ASN A 218 -49.00 -42.69 13.32
C ASN A 218 -49.15 -43.96 14.19
N MET A 219 -48.10 -44.77 14.26
CA MET A 219 -48.18 -46.04 14.96
C MET A 219 -46.91 -46.25 15.79
N VAL A 220 -47.02 -46.97 16.92
CA VAL A 220 -45.91 -47.29 17.80
C VAL A 220 -46.06 -48.73 18.31
N TYR A 221 -44.95 -49.46 18.34
CA TYR A 221 -44.94 -50.82 18.87
C TYR A 221 -45.00 -50.75 20.39
N ASP A 222 -45.63 -51.76 20.97
CA ASP A 222 -45.65 -51.88 22.42
C ASP A 222 -44.43 -52.70 22.82
N ALA A 223 -44.29 -52.92 24.12
CA ALA A 223 -43.19 -53.68 24.67
C ALA A 223 -43.25 -55.12 24.18
N ASN A 224 -44.42 -55.54 23.69
CA ASN A 224 -44.64 -56.91 23.32
C ASN A 224 -44.66 -57.05 21.80
N GLY A 225 -44.78 -55.92 21.10
CA GLY A 225 -44.65 -55.94 19.65
C GLY A 225 -45.98 -55.73 18.94
N TYR A 226 -47.03 -55.48 19.73
CA TYR A 226 -48.33 -55.20 19.12
C TYR A 226 -48.41 -53.71 18.77
N THR A 227 -49.03 -53.42 17.64
CA THR A 227 -48.99 -52.09 17.08
C THR A 227 -50.14 -51.25 17.64
N ILE A 228 -49.80 -50.08 18.22
CA ILE A 228 -50.80 -49.14 18.69
C ILE A 228 -50.95 -48.00 17.68
N TYR A 229 -52.15 -47.90 17.05
CA TYR A 229 -52.44 -46.86 16.06
C TYR A 229 -52.97 -45.61 16.75
N ASN A 230 -52.76 -44.44 16.14
CA ASN A 230 -53.26 -43.20 16.73
C ASN A 230 -54.56 -42.80 16.05
N TYR A 231 -55.66 -43.00 16.78
CA TYR A 231 -56.99 -42.75 16.26
C TYR A 231 -57.30 -41.26 16.19
N ASN A 232 -56.37 -40.42 16.67
CA ASN A 232 -56.56 -38.99 16.59
C ASN A 232 -56.20 -38.52 15.17
N ASN A 233 -55.48 -39.38 14.44
CA ASN A 233 -55.03 -39.12 13.08
C ASN A 233 -55.87 -39.91 12.08
N GLU A 234 -57.12 -40.23 12.46
CA GLU A 234 -58.04 -40.94 11.58
C GLU A 234 -58.35 -40.05 10.38
N ASP A 235 -58.34 -38.73 10.62
CA ASP A 235 -58.36 -37.71 9.60
C ASP A 235 -56.93 -37.37 9.22
N PRO A 236 -56.53 -37.66 7.96
CA PRO A 236 -55.16 -37.40 7.52
C PRO A 236 -54.78 -35.92 7.49
N ASN A 237 -55.78 -35.03 7.57
CA ASN A 237 -55.53 -33.58 7.51
C ASN A 237 -55.33 -33.01 8.92
N ILE A 238 -55.44 -33.86 9.95
CA ILE A 238 -55.22 -33.46 11.34
C ILE A 238 -54.25 -34.44 12.00
N GLU A 239 -52.96 -34.08 11.99
CA GLU A 239 -51.93 -34.84 12.69
C GLU A 239 -51.81 -34.33 14.13
N THR A 240 -52.58 -34.95 15.03
CA THR A 240 -52.62 -34.58 16.44
C THR A 240 -52.57 -35.84 17.31
N ALA A 241 -51.81 -35.78 18.42
CA ALA A 241 -51.47 -36.96 19.19
C ALA A 241 -51.65 -36.72 20.69
N PRO A 242 -52.18 -37.70 21.45
CA PRO A 242 -52.28 -37.59 22.91
C PRO A 242 -50.92 -37.80 23.60
N GLN A 243 -50.82 -37.32 24.84
CA GLN A 243 -49.56 -37.20 25.57
C GLN A 243 -48.84 -38.53 25.65
N TRP A 244 -49.57 -39.57 26.10
CA TRP A 244 -48.96 -40.85 26.40
C TRP A 244 -48.41 -41.50 25.13
N PHE A 245 -49.02 -41.18 23.97
CA PHE A 245 -48.56 -41.69 22.69
C PHE A 245 -47.22 -41.05 22.32
N TRP A 246 -47.12 -39.74 22.50
CA TRP A 246 -45.90 -38.99 22.28
C TRP A 246 -44.75 -39.59 23.09
N ASP A 247 -45.05 -39.94 24.35
CA ASP A 247 -44.09 -40.52 25.28
C ASP A 247 -43.51 -41.82 24.74
N ARG A 248 -44.42 -42.72 24.30
CA ARG A 248 -44.05 -44.04 23.81
C ARG A 248 -43.20 -43.91 22.55
N LEU A 249 -43.58 -42.97 21.67
CA LEU A 249 -42.92 -42.78 20.38
C LEU A 249 -41.48 -42.30 20.58
N ASN A 250 -41.32 -41.26 21.42
CA ASN A 250 -40.01 -40.71 21.77
C ASN A 250 -39.14 -41.80 22.41
N ASN A 251 -39.73 -42.56 23.33
CA ASN A 251 -39.02 -43.63 24.03
C ASN A 251 -38.57 -44.71 23.04
N ASN A 252 -39.45 -45.07 22.09
CA ASN A 252 -39.15 -46.13 21.13
C ASN A 252 -38.00 -45.66 20.22
N LEU A 253 -38.12 -44.42 19.73
CA LEU A 253 -37.10 -43.81 18.89
C LEU A 253 -35.76 -43.76 19.63
N ASN A 254 -35.82 -43.30 20.88
CA ASN A 254 -34.65 -43.16 21.71
C ASN A 254 -33.96 -44.51 21.87
N SER A 255 -34.73 -45.55 22.21
CA SER A 255 -34.22 -46.90 22.44
C SER A 255 -33.57 -47.47 21.18
N LEU A 256 -34.20 -47.24 20.03
CA LEU A 256 -33.69 -47.74 18.77
C LEU A 256 -32.34 -47.05 18.48
N SER A 257 -32.31 -45.73 18.73
CA SER A 257 -31.13 -44.92 18.47
C SER A 257 -29.97 -45.37 19.36
N TYR A 258 -30.27 -45.69 20.62
CA TYR A 258 -29.28 -46.08 21.60
C TYR A 258 -28.54 -47.34 21.17
N SER A 259 -29.24 -48.22 20.43
CA SER A 259 -28.65 -49.48 20.00
C SER A 259 -27.97 -49.33 18.64
N LEU A 260 -28.52 -48.46 17.77
CA LEU A 260 -28.05 -48.33 16.40
C LEU A 260 -26.86 -47.37 16.31
N ALA A 261 -27.05 -46.14 16.79
CA ALA A 261 -26.12 -45.04 16.54
C ALA A 261 -24.67 -45.43 16.90
N PRO A 262 -24.38 -46.06 18.06
CA PRO A 262 -22.99 -46.41 18.37
C PRO A 262 -22.40 -47.57 17.57
N THR A 263 -23.16 -48.10 16.60
CA THR A 263 -22.64 -49.15 15.73
C THR A 263 -22.49 -48.61 14.31
N LEU A 264 -23.13 -47.46 14.04
CA LEU A 264 -23.22 -46.91 12.70
C LEU A 264 -22.04 -45.96 12.43
N ASP A 265 -21.67 -45.87 11.15
CA ASP A 265 -20.62 -44.99 10.69
C ASP A 265 -21.25 -43.84 9.92
N GLY A 266 -22.59 -43.86 9.87
CA GLY A 266 -23.34 -42.87 9.14
C GLY A 266 -24.83 -43.18 9.06
N PHE A 267 -25.62 -42.12 9.19
CA PHE A 267 -27.06 -42.21 9.13
C PHE A 267 -27.59 -41.05 8.29
N TYR A 268 -28.43 -41.37 7.30
CA TYR A 268 -28.98 -40.40 6.39
C TYR A 268 -30.49 -40.64 6.24
N SER A 269 -31.27 -39.56 6.25
CA SER A 269 -32.71 -39.65 6.11
C SER A 269 -33.19 -38.74 4.99
N ILE A 270 -34.15 -39.19 4.18
CA ILE A 270 -34.70 -38.38 3.12
C ILE A 270 -36.22 -38.31 3.29
N LYS A 271 -36.74 -37.10 3.56
CA LYS A 271 -38.17 -36.93 3.76
C LYS A 271 -38.83 -36.61 2.43
N PHE A 272 -39.13 -37.65 1.63
CA PHE A 272 -39.85 -37.48 0.37
C PHE A 272 -41.27 -36.97 0.65
N ARG A 273 -41.65 -35.88 -0.02
CA ARG A 273 -43.00 -35.34 0.02
C ARG A 273 -43.56 -35.30 1.45
N TYR A 274 -42.78 -34.80 2.41
CA TYR A 274 -43.26 -34.71 3.79
C TYR A 274 -44.39 -33.69 3.88
N SER A 275 -45.52 -34.09 4.48
CA SER A 275 -46.75 -33.32 4.47
C SER A 275 -47.19 -32.91 5.88
N ASN A 276 -47.14 -33.86 6.82
CA ASN A 276 -47.61 -33.62 8.18
C ASN A 276 -46.75 -32.56 8.86
N ASN A 277 -47.40 -31.55 9.44
CA ASN A 277 -46.74 -30.52 10.23
C ASN A 277 -46.01 -31.15 11.41
N VAL A 278 -46.32 -32.44 11.66
CA VAL A 278 -45.63 -33.22 12.67
C VAL A 278 -44.31 -33.69 12.08
N ASP A 279 -43.20 -33.24 12.70
CA ASP A 279 -41.85 -33.43 12.19
C ASP A 279 -41.06 -34.29 13.17
N SER A 280 -40.82 -35.53 12.73
CA SER A 280 -40.44 -36.62 13.61
C SER A 280 -39.14 -37.25 13.10
N ILE A 281 -38.70 -36.85 11.90
CA ILE A 281 -37.40 -37.25 11.39
C ILE A 281 -36.35 -36.41 12.13
N THR A 282 -36.78 -35.18 12.43
CA THR A 282 -36.14 -34.23 13.31
C THR A 282 -35.83 -34.89 14.66
N SER A 283 -36.86 -35.48 15.28
CA SER A 283 -36.72 -36.16 16.57
C SER A 283 -35.70 -37.30 16.48
N LEU A 284 -35.70 -38.02 15.35
CA LEU A 284 -34.83 -39.16 15.15
C LEU A 284 -33.38 -38.71 15.10
N GLN A 285 -33.12 -37.64 14.34
CA GLN A 285 -31.80 -37.04 14.22
C GLN A 285 -31.28 -36.66 15.61
N TYR A 286 -32.16 -36.10 16.46
CA TYR A 286 -31.80 -35.68 17.80
C TYR A 286 -31.24 -36.86 18.60
N TYR A 287 -32.00 -37.96 18.64
CA TYR A 287 -31.66 -39.12 19.45
C TYR A 287 -30.40 -39.78 18.91
N MET A 288 -30.32 -39.85 17.57
CA MET A 288 -29.15 -40.41 16.91
C MET A 288 -27.90 -39.64 17.32
N ARG A 289 -28.00 -38.30 17.40
CA ARG A 289 -26.87 -37.46 17.75
C ARG A 289 -26.55 -37.58 19.24
N GLN A 290 -27.57 -37.87 20.03
CA GLN A 290 -27.40 -38.06 21.46
C GLN A 290 -26.53 -39.27 21.72
N HIS A 291 -26.63 -40.29 20.85
CA HIS A 291 -25.95 -41.55 21.08
C HIS A 291 -24.71 -41.69 20.20
N ASN A 292 -24.58 -40.80 19.20
CA ASN A 292 -23.38 -40.73 18.38
C ASN A 292 -23.27 -39.36 17.70
N ALA A 293 -22.53 -38.45 18.32
CA ALA A 293 -22.40 -37.07 17.86
C ALA A 293 -21.36 -36.97 16.76
N SER A 294 -20.57 -38.03 16.57
CA SER A 294 -19.43 -37.99 15.66
C SER A 294 -19.83 -38.44 14.26
N ILE A 295 -20.93 -39.21 14.17
CA ILE A 295 -21.26 -39.76 12.86
C ILE A 295 -22.00 -38.71 12.05
N PRO A 296 -21.80 -38.74 10.71
CA PRO A 296 -22.58 -37.91 9.79
C PRO A 296 -24.07 -38.25 9.96
N ASN A 297 -24.87 -37.21 10.21
CA ASN A 297 -26.28 -37.37 10.53
C ASN A 297 -27.06 -36.22 9.90
N GLU A 298 -27.79 -36.53 8.81
CA GLU A 298 -28.44 -35.53 7.98
C GLU A 298 -29.85 -35.96 7.56
N ILE A 299 -30.71 -34.96 7.31
CA ILE A 299 -32.04 -35.15 6.75
C ILE A 299 -32.20 -34.31 5.49
N PHE A 300 -32.57 -34.96 4.37
CA PHE A 300 -32.74 -34.31 3.07
C PHE A 300 -34.24 -34.12 2.81
N SER A 301 -34.58 -33.16 1.93
CA SER A 301 -35.97 -32.89 1.56
C SER A 301 -36.14 -33.00 0.05
N ALA A 302 -36.97 -33.95 -0.40
CA ALA A 302 -37.22 -34.21 -1.82
C ALA A 302 -38.71 -34.14 -2.15
N ASN A 303 -39.02 -33.45 -3.26
CA ASN A 303 -40.39 -33.14 -3.67
C ASN A 303 -40.74 -33.73 -5.03
N ASP A 304 -39.72 -34.21 -5.77
CA ASP A 304 -39.92 -34.86 -7.06
C ASP A 304 -38.87 -35.95 -7.26
N GLU A 305 -38.92 -36.64 -8.41
CA GLU A 305 -38.08 -37.79 -8.67
C GLU A 305 -36.62 -37.35 -8.86
N ASP A 306 -36.44 -36.16 -9.47
CA ASP A 306 -35.13 -35.58 -9.71
C ASP A 306 -34.45 -35.26 -8.38
N GLN A 307 -35.18 -34.57 -7.50
CA GLN A 307 -34.73 -34.17 -6.18
C GLN A 307 -34.36 -35.39 -5.35
N LEU A 308 -35.13 -36.47 -5.51
CA LEU A 308 -34.89 -37.73 -4.81
C LEU A 308 -33.59 -38.37 -5.31
N ARG A 309 -33.42 -38.39 -6.64
CA ARG A 309 -32.24 -38.98 -7.26
C ARG A 309 -30.99 -38.29 -6.73
N ASP A 310 -31.00 -36.94 -6.76
CA ASP A 310 -29.89 -36.11 -6.35
C ASP A 310 -29.54 -36.33 -4.87
N SER A 311 -30.57 -36.36 -4.01
CA SER A 311 -30.38 -36.54 -2.57
C SER A 311 -29.81 -37.93 -2.29
N PHE A 312 -30.34 -38.95 -2.98
CA PHE A 312 -29.84 -40.32 -2.90
C PHE A 312 -28.37 -40.36 -3.33
N LYS A 313 -28.06 -39.71 -4.45
CA LYS A 313 -26.72 -39.65 -5.00
C LYS A 313 -25.76 -39.03 -3.98
N ASP A 314 -26.22 -37.99 -3.28
CA ASP A 314 -25.40 -37.25 -2.34
C ASP A 314 -24.88 -38.19 -1.26
N ILE A 315 -25.73 -39.12 -0.86
CA ILE A 315 -25.39 -40.09 0.17
C ILE A 315 -24.40 -41.10 -0.41
N THR A 316 -24.57 -41.40 -1.71
CA THR A 316 -23.67 -42.30 -2.42
C THR A 316 -22.38 -41.57 -2.78
N ASP A 317 -22.26 -40.28 -2.41
CA ASP A 317 -21.03 -39.55 -2.64
C ASP A 317 -20.33 -39.26 -1.32
N LYS A 318 -20.97 -39.69 -0.23
CA LYS A 318 -20.46 -39.32 1.07
C LYS A 318 -19.94 -40.56 1.77
N ILE A 319 -20.53 -41.71 1.43
CA ILE A 319 -20.10 -42.99 1.97
C ILE A 319 -19.17 -43.64 0.95
N LEU A 320 -19.44 -43.34 -0.33
CA LEU A 320 -18.71 -43.95 -1.41
C LEU A 320 -17.91 -42.85 -2.11
N PRO A 321 -16.62 -42.66 -1.74
CA PRO A 321 -15.87 -41.44 -2.10
C PRO A 321 -15.25 -41.42 -3.51
N LEU A 322 -15.14 -40.21 -4.09
CA LEU A 322 -14.25 -39.90 -5.21
C LEU A 322 -12.81 -39.98 -4.72
N GLY A 323 -12.56 -39.34 -3.57
CA GLY A 323 -11.22 -39.22 -3.05
C GLY A 323 -11.22 -38.58 -1.67
N ILE A 324 -10.59 -37.40 -1.58
CA ILE A 324 -10.34 -36.77 -0.28
C ILE A 324 -11.22 -35.52 -0.18
N HIS A 325 -11.51 -35.11 1.05
CA HIS A 325 -12.45 -34.03 1.32
C HIS A 325 -12.05 -33.22 2.56
N HIS A 326 -12.92 -32.28 2.97
CA HIS A 326 -12.65 -31.35 4.06
C HIS A 326 -11.28 -30.70 3.86
N VAL A 327 -10.99 -30.34 2.61
CA VAL A 327 -9.66 -29.92 2.17
C VAL A 327 -9.44 -28.46 2.56
N SER A 328 -8.20 -28.14 2.92
CA SER A 328 -7.83 -26.78 3.30
C SER A 328 -6.34 -26.60 3.01
N ILE A 329 -6.00 -25.64 2.11
CA ILE A 329 -4.60 -25.32 1.78
C ILE A 329 -4.20 -24.01 2.47
N LYS A 330 -3.05 -24.02 3.14
CA LYS A 330 -2.65 -22.87 3.95
C LYS A 330 -1.20 -22.49 3.65
N ASP A 331 -0.95 -21.17 3.53
CA ASP A 331 0.40 -20.63 3.40
C ASP A 331 0.55 -19.48 4.38
N VAL A 332 1.60 -19.55 5.19
CA VAL A 332 2.00 -18.42 6.04
C VAL A 332 3.12 -17.66 5.32
N LEU A 333 2.86 -16.40 5.00
CA LEU A 333 3.82 -15.62 4.23
C LEU A 333 4.91 -15.09 5.16
N SER A 334 6.17 -15.10 4.68
CA SER A 334 7.29 -14.61 5.44
C SER A 334 7.21 -13.09 5.48
N LYS A 335 8.11 -12.47 6.25
CA LYS A 335 8.09 -11.03 6.42
C LYS A 335 8.43 -10.33 5.10
N TYR A 336 8.99 -11.09 4.14
CA TYR A 336 9.58 -10.54 2.93
C TYR A 336 8.60 -10.41 1.77
N VAL A 337 7.34 -10.85 1.97
CA VAL A 337 6.29 -10.67 0.96
C VAL A 337 5.03 -10.19 1.65
N GLN A 338 4.15 -9.58 0.85
CA GLN A 338 2.84 -9.17 1.34
C GLN A 338 1.84 -9.28 0.19
N LEU A 339 0.56 -9.31 0.54
CA LEU A 339 -0.52 -9.44 -0.43
C LEU A 339 -0.83 -8.09 -1.07
N LEU A 340 -1.34 -8.11 -2.32
CA LEU A 340 -1.80 -6.91 -3.01
C LEU A 340 -3.05 -6.38 -2.33
N PRO A 341 -3.18 -5.06 -2.08
CA PRO A 341 -4.38 -4.51 -1.44
C PRO A 341 -5.66 -4.62 -2.28
N ASN A 342 -6.81 -4.71 -1.58
CA ASN A 342 -8.13 -4.73 -2.16
C ASN A 342 -8.35 -6.02 -2.96
N GLY A 343 -7.88 -7.16 -2.42
CA GLY A 343 -8.02 -8.46 -3.04
C GLY A 343 -7.65 -8.44 -4.53
N SER A 344 -6.44 -7.98 -4.82
CA SER A 344 -5.97 -7.90 -6.20
C SER A 344 -4.99 -9.04 -6.48
N SER A 345 -4.90 -9.98 -5.52
CA SER A 345 -3.95 -11.07 -5.59
C SER A 345 -4.49 -12.18 -6.50
N GLU A 346 -5.79 -12.11 -6.81
CA GLU A 346 -6.50 -13.10 -7.62
C GLU A 346 -6.35 -14.49 -7.01
N PHE A 347 -6.69 -14.61 -5.72
CA PHE A 347 -6.72 -15.91 -5.08
C PHE A 347 -7.64 -16.82 -5.89
N ARG A 348 -7.09 -17.89 -6.49
CA ARG A 348 -7.96 -18.81 -7.20
C ARG A 348 -7.46 -20.25 -7.02
N VAL A 349 -8.39 -21.19 -6.92
CA VAL A 349 -8.00 -22.60 -7.04
C VAL A 349 -8.36 -23.09 -8.43
N VAL A 350 -7.40 -23.76 -9.07
CA VAL A 350 -7.56 -24.27 -10.42
C VAL A 350 -7.64 -25.78 -10.34
N LYS A 351 -8.57 -26.36 -11.12
CA LYS A 351 -8.65 -27.81 -11.26
C LYS A 351 -8.15 -28.20 -12.65
N GLU A 352 -7.18 -29.12 -12.69
CA GLU A 352 -6.64 -29.67 -13.93
C GLU A 352 -7.41 -30.94 -14.30
N LYS A 353 -8.35 -30.78 -15.25
CA LYS A 353 -9.08 -31.88 -15.83
C LYS A 353 -8.36 -32.37 -17.09
N ASP A 354 -7.44 -33.34 -16.93
CA ASP A 354 -6.80 -34.04 -18.04
C ASP A 354 -6.14 -33.05 -18.99
N GLY A 355 -5.26 -32.20 -18.44
CA GLY A 355 -4.63 -31.16 -19.24
C GLY A 355 -5.40 -29.85 -19.17
N SER A 356 -6.68 -29.89 -19.57
CA SER A 356 -7.61 -28.76 -19.53
C SER A 356 -7.80 -28.28 -18.09
N SER A 357 -8.28 -27.04 -17.88
CA SER A 357 -8.37 -26.51 -16.52
C SER A 357 -9.50 -25.51 -16.32
N GLU A 358 -10.05 -25.52 -15.10
CA GLU A 358 -11.18 -24.69 -14.72
C GLU A 358 -10.96 -24.13 -13.32
N ILE A 359 -11.57 -22.98 -13.08
CA ILE A 359 -11.52 -22.25 -11.82
C ILE A 359 -12.64 -22.79 -10.92
N LEU A 360 -12.30 -23.23 -9.71
CA LEU A 360 -13.35 -23.58 -8.76
C LEU A 360 -14.10 -22.32 -8.35
N THR A 361 -15.41 -22.45 -8.12
CA THR A 361 -16.27 -21.33 -7.78
C THR A 361 -16.19 -21.02 -6.29
N GLU A 362 -17.07 -20.11 -5.84
CA GLU A 362 -17.24 -19.71 -4.45
C GLU A 362 -17.82 -20.87 -3.64
N ASN A 363 -18.59 -21.72 -4.33
CA ASN A 363 -19.32 -22.82 -3.69
C ASN A 363 -18.39 -24.01 -3.53
N GLN A 364 -17.20 -23.92 -4.15
CA GLN A 364 -16.23 -24.99 -4.10
C GLN A 364 -15.13 -24.63 -3.11
N VAL A 365 -14.77 -23.34 -3.04
CA VAL A 365 -13.63 -22.92 -2.24
C VAL A 365 -13.81 -21.48 -1.77
N THR A 366 -13.41 -21.25 -0.51
CA THR A 366 -13.41 -19.93 0.12
C THR A 366 -11.98 -19.52 0.43
N PHE A 367 -11.77 -18.22 0.71
CA PHE A 367 -10.44 -17.71 1.02
C PHE A 367 -10.47 -16.90 2.31
N ASP A 368 -9.44 -17.06 3.15
CA ASP A 368 -9.37 -16.37 4.42
C ASP A 368 -8.00 -15.71 4.63
N THR A 369 -8.01 -14.64 5.44
CA THR A 369 -6.83 -13.86 5.76
C THR A 369 -6.71 -13.65 7.26
N LYS A 370 -6.23 -14.64 8.00
CA LYS A 370 -5.85 -14.37 9.37
C LYS A 370 -4.45 -13.76 9.40
N THR A 371 -4.21 -12.92 10.42
CA THR A 371 -2.84 -12.59 10.83
C THR A 371 -2.45 -13.54 11.95
N THR A 372 -1.26 -14.15 11.80
CA THR A 372 -0.79 -15.25 12.64
C THR A 372 -0.28 -14.71 13.98
N SER A 373 -0.05 -15.66 14.90
CA SER A 373 0.45 -15.41 16.24
C SER A 373 1.84 -14.77 16.19
N GLU A 374 2.74 -15.27 15.33
CA GLU A 374 4.05 -14.65 15.20
C GLU A 374 3.90 -13.19 14.77
N GLY A 375 2.96 -12.93 13.85
CA GLY A 375 2.73 -11.59 13.33
C GLY A 375 2.83 -11.53 11.79
N LEU A 376 2.72 -12.70 11.14
CA LEU A 376 2.76 -12.84 9.69
C LEU A 376 1.35 -13.07 9.16
N VAL A 377 1.15 -13.22 7.85
CA VAL A 377 -0.21 -13.36 7.33
C VAL A 377 -0.46 -14.79 6.91
N GLU A 378 -1.62 -15.34 7.31
CA GLU A 378 -2.00 -16.70 6.95
C GLU A 378 -3.10 -16.68 5.90
N VAL A 379 -2.76 -17.13 4.69
CA VAL A 379 -3.72 -17.29 3.62
C VAL A 379 -4.28 -18.70 3.74
N THR A 380 -5.61 -18.85 3.79
CA THR A 380 -6.22 -20.16 4.02
C THR A 380 -7.27 -20.42 2.95
N ALA A 381 -7.11 -21.52 2.22
CA ALA A 381 -8.02 -21.85 1.13
C ALA A 381 -8.92 -23.01 1.54
N LYS A 382 -10.00 -22.70 2.27
CA LYS A 382 -10.94 -23.71 2.75
C LYS A 382 -11.92 -24.10 1.64
N PHE A 383 -11.87 -25.38 1.22
CA PHE A 383 -12.82 -25.94 0.27
C PHE A 383 -14.14 -26.24 0.99
N SER A 384 -15.23 -26.25 0.22
CA SER A 384 -16.51 -26.75 0.68
C SER A 384 -16.30 -28.07 1.44
N PRO A 385 -16.83 -28.22 2.69
CA PRO A 385 -16.54 -29.38 3.52
C PRO A 385 -16.70 -30.70 2.78
N ASN A 386 -17.68 -30.75 1.88
CA ASN A 386 -18.07 -32.00 1.24
C ASN A 386 -17.36 -32.20 -0.10
N TYR A 387 -16.59 -31.19 -0.53
CA TYR A 387 -15.98 -31.25 -1.86
C TYR A 387 -14.91 -32.33 -1.91
N SER A 388 -15.02 -33.23 -2.91
CA SER A 388 -14.07 -34.32 -3.12
C SER A 388 -13.20 -34.02 -4.33
N LEU A 389 -11.89 -34.24 -4.16
CA LEU A 389 -10.95 -33.99 -5.22
C LEU A 389 -10.95 -35.18 -6.19
N GLU A 390 -11.30 -34.92 -7.45
CA GLU A 390 -11.33 -35.97 -8.47
C GLU A 390 -10.00 -36.72 -8.48
N ASP A 391 -10.08 -38.05 -8.47
CA ASP A 391 -8.88 -38.88 -8.42
C ASP A 391 -7.94 -38.48 -9.56
N GLY A 392 -6.70 -38.13 -9.17
CA GLY A 392 -5.63 -37.76 -10.08
C GLY A 392 -5.92 -36.48 -10.87
N ALA A 393 -6.39 -35.44 -10.18
CA ALA A 393 -6.55 -34.12 -10.78
C ALA A 393 -5.69 -33.13 -9.99
N ARG A 394 -5.27 -32.03 -10.62
CA ARG A 394 -4.38 -31.12 -9.94
C ARG A 394 -5.16 -29.89 -9.48
N TYR A 395 -5.29 -29.76 -8.15
CA TYR A 395 -5.93 -28.59 -7.59
C TYR A 395 -4.85 -27.64 -7.07
N VAL A 396 -4.72 -26.49 -7.73
CA VAL A 396 -3.63 -25.56 -7.46
C VAL A 396 -4.18 -24.21 -7.00
N LEU A 397 -3.72 -23.76 -5.84
CA LEU A 397 -4.02 -22.43 -5.33
C LEU A 397 -3.01 -21.47 -5.94
N LYS A 398 -3.53 -20.41 -6.57
CA LYS A 398 -2.71 -19.38 -7.18
C LYS A 398 -3.11 -18.02 -6.62
N PHE A 399 -2.11 -17.20 -6.27
CA PHE A 399 -2.32 -15.82 -5.90
C PHE A 399 -1.03 -15.02 -6.09
N THR A 400 -1.17 -13.69 -6.16
CA THR A 400 -0.05 -12.78 -6.41
C THR A 400 0.42 -12.13 -5.11
N VAL A 401 1.74 -12.02 -4.96
CA VAL A 401 2.35 -11.29 -3.86
C VAL A 401 3.41 -10.34 -4.41
N THR A 402 3.70 -9.29 -3.62
CA THR A 402 4.80 -8.39 -3.94
C THR A 402 5.84 -8.37 -2.81
N SER A 403 7.05 -7.91 -3.15
CA SER A 403 8.11 -7.73 -2.18
C SER A 403 7.70 -6.76 -1.08
N SER A 404 8.02 -7.07 0.18
CA SER A 404 7.72 -6.17 1.27
C SER A 404 8.86 -5.14 1.37
N GLN A 405 8.74 -4.19 2.31
CA GLN A 405 9.78 -3.19 2.45
C GLN A 405 11.04 -3.86 2.98
N GLU A 406 10.79 -4.91 3.78
CA GLU A 406 11.84 -5.69 4.40
C GLU A 406 12.71 -6.29 3.30
N ALA A 407 12.07 -6.71 2.21
CA ALA A 407 12.79 -7.33 1.12
C ALA A 407 13.54 -6.27 0.31
N LEU A 408 12.87 -5.12 0.16
CA LEU A 408 13.40 -4.07 -0.68
C LEU A 408 14.61 -3.47 0.01
N ASP A 409 14.52 -3.38 1.34
CA ASP A 409 15.62 -2.97 2.21
C ASP A 409 16.78 -3.96 2.11
N ALA A 410 16.47 -5.24 2.26
CA ALA A 410 17.47 -6.27 2.17
C ALA A 410 18.25 -6.18 0.86
N ILE A 411 17.59 -6.10 -0.29
CA ILE A 411 18.38 -6.17 -1.51
C ILE A 411 19.26 -4.93 -1.73
N ALA A 412 18.96 -3.82 -1.02
CA ALA A 412 19.72 -2.57 -1.10
C ALA A 412 20.91 -2.73 -0.17
N GLY A 413 20.76 -3.69 0.75
CA GLY A 413 21.69 -3.88 1.83
C GLY A 413 21.48 -2.85 2.92
N ASP A 414 20.24 -2.73 3.38
CA ASP A 414 19.96 -1.86 4.52
C ASP A 414 19.40 -2.69 5.67
N LYS A 415 19.12 -3.97 5.40
CA LYS A 415 18.65 -4.88 6.41
C LYS A 415 19.56 -6.10 6.38
N LYS A 416 19.81 -6.65 7.56
CA LYS A 416 20.66 -7.81 7.77
C LYS A 416 19.80 -9.06 7.70
N LEU A 417 20.19 -9.99 6.81
CA LEU A 417 19.64 -11.33 6.78
C LEU A 417 20.07 -12.07 8.05
N GLU A 418 19.12 -12.64 8.78
CA GLU A 418 19.46 -13.32 10.01
C GLU A 418 19.65 -14.81 9.72
N ALA A 419 18.84 -15.62 10.41
CA ALA A 419 18.83 -17.07 10.34
C ALA A 419 17.62 -17.54 9.53
N GLY A 420 17.87 -18.33 8.47
CA GLY A 420 16.84 -18.97 7.67
C GLY A 420 15.79 -17.99 7.11
N ASP A 421 16.24 -16.77 6.81
CA ASP A 421 15.42 -15.79 6.14
C ASP A 421 15.49 -16.07 4.64
N ALA A 422 16.66 -16.56 4.22
CA ALA A 422 16.98 -16.80 2.83
C ALA A 422 17.90 -18.02 2.73
N GLU A 423 17.90 -18.64 1.54
CA GLU A 423 18.74 -19.79 1.23
C GLU A 423 20.18 -19.31 1.12
N GLY A 424 21.02 -19.81 2.03
CA GLY A 424 22.45 -19.53 2.07
C GLY A 424 22.75 -18.05 2.30
N SER A 425 21.85 -17.37 3.05
CA SER A 425 21.90 -15.95 3.34
C SER A 425 22.19 -15.11 2.08
N ASP A 426 21.61 -15.53 0.95
CA ASP A 426 21.68 -14.79 -0.30
C ASP A 426 20.39 -13.98 -0.47
N VAL A 427 20.51 -12.68 -0.74
CA VAL A 427 19.31 -11.86 -0.82
C VAL A 427 18.58 -12.14 -2.13
N ASN A 428 19.18 -12.90 -3.05
CA ASN A 428 18.48 -13.23 -4.28
C ASN A 428 17.72 -14.53 -4.11
N LYS A 429 17.67 -15.01 -2.87
CA LYS A 429 17.05 -16.29 -2.60
C LYS A 429 16.27 -16.19 -1.29
N LEU A 430 15.41 -15.17 -1.22
CA LEU A 430 14.56 -14.97 -0.06
C LEU A 430 13.43 -16.01 -0.06
N TYR A 431 13.12 -16.55 1.13
CA TYR A 431 12.06 -17.53 1.29
C TYR A 431 10.74 -16.78 1.39
N SER A 432 9.76 -17.21 0.57
CA SER A 432 8.49 -16.52 0.42
C SER A 432 7.53 -17.00 1.49
N ASN A 433 7.75 -18.23 1.94
CA ASN A 433 6.86 -18.85 2.92
C ASN A 433 7.62 -19.10 4.21
N LYS A 434 6.92 -18.96 5.34
CA LYS A 434 7.47 -19.42 6.60
C LYS A 434 7.21 -20.91 6.75
N GLY A 435 6.05 -21.33 6.24
CA GLY A 435 5.57 -22.70 6.19
C GLY A 435 4.16 -22.76 5.58
N ALA A 436 3.85 -23.91 5.00
CA ALA A 436 2.61 -24.10 4.26
C ALA A 436 2.13 -25.53 4.46
N SER A 437 0.80 -25.74 4.46
CA SER A 437 0.28 -27.06 4.78
C SER A 437 -1.05 -27.32 4.06
N VAL A 438 -1.42 -28.61 3.96
CA VAL A 438 -2.70 -29.10 3.44
C VAL A 438 -3.36 -30.02 4.48
N THR A 439 -4.65 -29.80 4.75
CA THR A 439 -5.43 -30.68 5.61
C THR A 439 -6.55 -31.29 4.78
N TYR A 440 -6.82 -32.58 4.99
CA TYR A 440 -7.84 -33.31 4.28
C TYR A 440 -8.28 -34.54 5.07
N SER A 441 -9.38 -35.14 4.64
CA SER A 441 -9.92 -36.35 5.25
C SER A 441 -10.33 -37.33 4.14
N TYR A 442 -10.21 -38.63 4.42
CA TYR A 442 -10.68 -39.65 3.49
C TYR A 442 -11.54 -40.67 4.21
N GLY A 443 -12.83 -40.70 3.83
CA GLY A 443 -13.79 -41.60 4.45
C GLY A 443 -15.14 -40.93 4.62
N ILE A 444 -15.71 -41.02 5.82
CA ILE A 444 -17.03 -40.51 6.10
C ILE A 444 -16.95 -39.53 7.26
N GLY A 445 -17.16 -38.24 6.98
CA GLY A 445 -17.06 -37.16 7.96
C GLY A 445 -15.60 -36.89 8.34
N ASN A 446 -15.39 -36.14 9.42
CA ASN A 446 -14.04 -35.77 9.84
C ASN A 446 -13.44 -36.89 10.69
N SER A 447 -12.91 -37.91 10.00
CA SER A 447 -12.34 -39.08 10.63
C SER A 447 -10.81 -39.04 10.53
N GLN A 448 -10.30 -39.11 9.28
CA GLN A 448 -8.88 -39.24 9.01
C GLN A 448 -8.13 -37.94 9.28
N THR A 449 -8.61 -36.84 8.69
CA THR A 449 -8.07 -35.51 8.96
C THR A 449 -6.55 -35.53 9.12
N LYS A 450 -5.82 -35.69 8.00
CA LYS A 450 -4.36 -35.62 8.00
C LYS A 450 -3.90 -34.26 7.50
N THR A 451 -2.76 -33.80 8.04
CA THR A 451 -2.13 -32.55 7.66
C THR A 451 -0.71 -32.84 7.19
N LYS A 452 -0.44 -32.58 5.90
CA LYS A 452 0.93 -32.64 5.39
C LYS A 452 1.45 -31.22 5.19
N GLU A 453 2.68 -30.99 5.65
CA GLU A 453 3.39 -29.72 5.45
C GLU A 453 4.12 -29.80 4.11
N TYR A 454 4.11 -28.68 3.36
CA TYR A 454 4.75 -28.62 2.07
C TYR A 454 6.25 -28.81 2.24
N SER A 455 6.85 -29.58 1.35
CA SER A 455 8.25 -29.92 1.48
C SER A 455 9.12 -28.79 0.93
N ASP A 456 8.59 -28.16 -0.14
CA ASP A 456 9.22 -27.10 -0.90
C ASP A 456 9.19 -25.78 -0.12
N ASN A 457 10.37 -25.15 -0.04
CA ASN A 457 10.49 -23.77 0.40
C ASN A 457 10.99 -22.94 -0.79
N PRO A 458 10.12 -22.20 -1.51
CA PRO A 458 10.52 -21.46 -2.70
C PRO A 458 11.34 -20.22 -2.34
N THR A 459 12.05 -19.69 -3.35
CA THR A 459 12.87 -18.50 -3.13
C THR A 459 12.62 -17.52 -4.27
N PHE A 460 12.77 -16.22 -3.95
CA PHE A 460 12.66 -15.15 -4.94
C PHE A 460 13.70 -14.06 -4.71
N LYS A 461 13.98 -13.30 -5.78
CA LYS A 461 14.86 -12.14 -5.79
C LYS A 461 14.00 -10.88 -5.95
N PRO A 462 14.11 -9.89 -5.03
CA PRO A 462 13.44 -8.59 -5.20
C PRO A 462 13.96 -7.82 -6.40
N SER A 463 13.26 -6.72 -6.71
CA SER A 463 13.72 -5.84 -7.76
C SER A 463 15.04 -5.20 -7.37
N ASP A 464 15.97 -5.24 -8.34
CA ASP A 464 17.19 -4.45 -8.33
C ASP A 464 16.99 -3.13 -7.59
N PRO A 465 17.89 -2.76 -6.67
CA PRO A 465 17.76 -1.48 -5.99
C PRO A 465 18.07 -0.40 -7.02
N LEU A 466 17.91 0.86 -6.62
CA LEU A 466 17.97 1.93 -7.57
C LEU A 466 19.40 2.42 -7.70
N THR A 467 19.71 3.01 -8.85
CA THR A 467 20.91 3.81 -9.03
C THR A 467 20.45 5.26 -9.14
N VAL A 468 20.62 6.06 -8.07
CA VAL A 468 20.14 7.43 -8.11
C VAL A 468 21.25 8.35 -8.63
N PRO A 469 21.12 8.97 -9.81
CA PRO A 469 22.17 9.77 -10.39
C PRO A 469 22.16 11.24 -9.91
N VAL A 470 23.33 11.87 -9.83
CA VAL A 470 23.43 13.27 -9.45
C VAL A 470 24.38 14.01 -10.38
N GLU A 471 23.95 15.19 -10.88
CA GLU A 471 24.77 15.99 -11.77
C GLU A 471 25.12 17.30 -11.07
N VAL A 472 26.29 17.84 -11.39
CA VAL A 472 26.72 19.11 -10.83
C VAL A 472 27.08 19.97 -12.03
N GLU A 473 26.42 21.12 -12.17
CA GLU A 473 26.73 22.00 -13.28
C GLU A 473 27.34 23.23 -12.65
N TRP A 474 28.39 23.76 -13.24
CA TRP A 474 28.92 25.01 -12.75
C TRP A 474 28.67 26.06 -13.82
N GLN A 475 27.99 27.16 -13.46
CA GLN A 475 27.68 28.23 -14.39
C GLN A 475 28.34 29.52 -13.94
N GLY A 476 28.87 30.28 -14.89
CA GLY A 476 29.41 31.60 -14.66
C GLY A 476 28.35 32.68 -14.41
N VAL A 477 28.81 33.92 -14.26
CA VAL A 477 27.96 34.97 -13.72
C VAL A 477 26.68 35.06 -14.55
N THR A 478 26.82 35.06 -15.89
CA THR A 478 25.71 35.41 -16.75
C THR A 478 24.93 34.17 -17.15
N GLY A 479 25.49 32.97 -16.90
CA GLY A 479 24.74 31.73 -16.94
C GLY A 479 25.64 30.61 -17.44
N ALA A 480 25.02 29.50 -17.89
CA ALA A 480 25.72 28.40 -18.52
C ALA A 480 26.56 28.90 -19.68
N ARG A 481 27.79 28.38 -19.80
CA ARG A 481 28.68 28.72 -20.91
C ARG A 481 29.06 30.20 -20.84
N THR A 482 29.47 30.63 -19.66
CA THR A 482 30.20 31.88 -19.52
C THR A 482 31.29 31.53 -18.53
N VAL A 483 32.51 32.02 -18.73
CA VAL A 483 33.59 31.42 -17.96
C VAL A 483 33.45 31.78 -16.49
N ILE A 484 33.80 30.82 -15.66
CA ILE A 484 33.78 31.06 -14.23
C ILE A 484 35.08 31.79 -13.89
N THR A 485 34.95 32.87 -13.12
CA THR A 485 36.14 33.64 -12.82
C THR A 485 36.55 33.40 -11.39
N ALA A 486 35.67 32.74 -10.59
CA ALA A 486 35.82 32.56 -9.14
C ALA A 486 36.48 31.23 -8.79
N ASP A 487 36.97 31.16 -7.54
CA ASP A 487 37.65 29.97 -7.06
C ASP A 487 36.58 28.93 -6.81
N GLN A 488 36.78 27.79 -7.47
CA GLN A 488 35.88 26.68 -7.22
C GLN A 488 36.54 25.84 -6.15
N PRO A 489 35.82 25.01 -5.36
CA PRO A 489 36.52 24.09 -4.49
C PRO A 489 37.04 22.99 -5.40
N SER A 490 37.64 21.97 -4.80
CA SER A 490 38.22 20.95 -5.66
C SER A 490 37.25 19.80 -5.82
N ASN A 491 36.34 19.70 -4.84
CA ASN A 491 35.28 18.76 -5.07
C ASN A 491 34.14 19.13 -4.15
N VAL A 492 32.98 18.48 -4.33
CA VAL A 492 31.88 18.73 -3.45
C VAL A 492 31.40 17.36 -3.01
N GLU A 493 31.20 17.19 -1.71
CA GLU A 493 30.58 15.96 -1.20
C GLU A 493 29.08 16.17 -1.15
N LEU A 494 28.36 15.21 -1.74
CA LEU A 494 26.90 15.18 -1.82
C LEU A 494 26.41 13.97 -1.05
N LYS A 495 25.27 14.12 -0.37
CA LYS A 495 24.71 13.07 0.48
C LYS A 495 23.24 12.87 0.16
N LEU A 496 22.85 11.63 -0.11
CA LEU A 496 21.46 11.30 -0.40
C LEU A 496 20.67 11.16 0.90
N VAL A 497 19.55 11.87 1.02
CA VAL A 497 18.79 11.83 2.27
C VAL A 497 17.54 11.01 2.05
N GLN A 498 17.20 10.16 3.03
CA GLN A 498 16.09 9.22 2.89
C GLN A 498 15.08 9.60 3.97
N LYS A 499 13.91 10.10 3.57
CA LYS A 499 12.92 10.55 4.54
C LYS A 499 12.37 9.32 5.27
N ASN A 500 12.38 9.40 6.61
CA ASN A 500 11.90 8.34 7.48
C ASN A 500 10.38 8.34 7.49
N LYS A 501 9.83 7.21 7.01
CA LYS A 501 8.40 6.91 6.95
C LYS A 501 7.81 6.89 8.36
N ASN A 502 8.49 6.15 9.25
CA ASN A 502 7.99 5.80 10.58
C ASN A 502 8.58 6.77 11.60
N GLY A 503 8.05 8.00 11.60
CA GLY A 503 8.43 8.98 12.59
C GLY A 503 9.04 10.22 11.95
N GLY A 504 10.09 10.75 12.60
CA GLY A 504 10.71 12.00 12.21
C GLY A 504 12.19 11.89 11.84
N SER A 505 12.88 10.83 12.27
CA SER A 505 14.34 10.79 12.20
C SER A 505 14.82 10.42 10.81
N ASP A 506 15.05 11.44 9.97
CA ASP A 506 15.40 11.24 8.57
C ASP A 506 16.88 10.89 8.49
N ASN A 507 17.24 10.05 7.50
CA ASN A 507 18.61 9.56 7.33
C ASN A 507 19.34 10.53 6.41
N GLN A 508 20.25 11.33 7.01
CA GLN A 508 20.89 12.40 6.27
C GLN A 508 22.29 11.96 5.81
N ASP A 509 22.63 10.69 6.01
CA ASP A 509 23.92 10.19 5.58
C ASP A 509 23.71 8.83 4.92
N TYR A 510 22.49 8.63 4.40
CA TYR A 510 22.13 7.37 3.77
C TYR A 510 23.23 6.92 2.80
N ARG A 511 23.45 7.61 1.68
CA ARG A 511 24.60 7.32 0.84
C ARG A 511 25.38 8.61 0.67
N LYS A 512 26.56 8.52 0.06
CA LYS A 512 27.41 9.68 -0.11
C LYS A 512 28.24 9.52 -1.37
N THR A 513 28.53 10.63 -2.07
CA THR A 513 29.39 10.60 -3.24
C THR A 513 30.12 11.92 -3.29
N ASN A 514 31.34 11.94 -3.81
CA ASN A 514 32.09 13.17 -3.95
C ASN A 514 32.24 13.38 -5.45
N VAL A 515 31.98 14.60 -5.93
CA VAL A 515 32.07 14.87 -7.37
C VAL A 515 33.23 15.81 -7.62
N ASN A 516 34.16 15.42 -8.50
CA ASN A 516 35.34 16.23 -8.83
C ASN A 516 34.89 17.53 -9.45
N VAL A 517 35.50 18.63 -9.07
CA VAL A 517 35.18 19.87 -9.73
C VAL A 517 36.39 20.32 -10.55
N SER A 518 36.47 19.97 -11.82
CA SER A 518 37.55 20.48 -12.64
C SER A 518 37.10 21.77 -13.33
N LYS A 519 37.99 22.78 -13.32
CA LYS A 519 37.78 23.96 -14.14
C LYS A 519 37.77 23.57 -15.62
N ASN A 520 37.04 24.33 -16.44
CA ASN A 520 37.06 24.07 -17.88
C ASN A 520 36.47 22.67 -18.13
N VAL A 521 35.50 22.27 -17.29
CA VAL A 521 34.54 21.19 -17.52
C VAL A 521 33.30 21.45 -16.68
N SER A 522 32.18 21.81 -17.32
CA SER A 522 31.05 22.42 -16.62
C SER A 522 29.99 21.42 -16.18
N ASN A 523 30.08 20.17 -16.64
CA ASN A 523 29.13 19.16 -16.23
C ASN A 523 29.84 17.88 -15.82
N GLU A 524 29.50 17.35 -14.63
CA GLU A 524 30.05 16.13 -14.07
C GLU A 524 28.96 15.36 -13.36
N THR A 525 28.75 14.09 -13.68
CA THR A 525 27.76 13.25 -13.01
C THR A 525 28.46 12.16 -12.18
N ARG A 526 27.76 11.63 -11.17
CA ARG A 526 28.22 10.56 -10.31
C ARG A 526 26.96 9.89 -9.78
N ASN A 527 27.07 8.71 -9.17
CA ASN A 527 25.87 7.98 -8.78
C ASN A 527 25.94 7.48 -7.35
N PHE A 528 24.76 7.42 -6.75
CA PHE A 528 24.52 6.69 -5.54
C PHE A 528 23.98 5.32 -5.95
N GLU A 529 24.67 4.25 -5.53
CA GLU A 529 24.31 2.90 -5.91
C GLU A 529 23.59 2.21 -4.75
N LYS A 530 22.85 1.14 -5.11
CA LYS A 530 22.08 0.33 -4.19
C LYS A 530 21.19 1.18 -3.31
N VAL A 531 20.32 2.00 -3.89
CA VAL A 531 19.42 2.79 -3.07
C VAL A 531 18.10 2.03 -2.90
N ALA A 532 17.47 2.07 -1.73
CA ALA A 532 16.33 1.20 -1.52
C ALA A 532 15.08 1.82 -2.15
N LYS A 533 14.33 1.03 -2.94
CA LYS A 533 13.02 1.44 -3.43
C LYS A 533 12.09 1.56 -2.24
N GLY A 534 11.06 2.40 -2.39
CA GLY A 534 10.02 2.50 -1.39
C GLY A 534 10.09 3.78 -0.57
N TYR A 535 11.04 4.68 -0.88
CA TYR A 535 11.20 5.87 -0.05
C TYR A 535 11.28 7.13 -0.90
N GLN A 536 11.05 8.28 -0.24
CA GLN A 536 11.34 9.54 -0.90
C GLN A 536 12.75 9.97 -0.52
N TYR A 537 13.44 10.63 -1.45
CA TYR A 537 14.81 10.94 -1.19
C TYR A 537 15.06 12.37 -1.64
N ASP A 538 15.96 13.08 -0.94
CA ASP A 538 16.42 14.40 -1.28
C ASP A 538 17.93 14.47 -1.18
N LEU A 539 18.53 15.63 -1.47
CA LEU A 539 19.96 15.74 -1.68
C LEU A 539 20.54 16.89 -0.88
N ILE A 540 21.63 16.63 -0.13
CA ILE A 540 22.30 17.69 0.58
C ILE A 540 23.55 18.04 -0.21
N ALA A 541 23.81 19.34 -0.38
CA ALA A 541 24.94 19.72 -1.21
C ALA A 541 25.61 20.92 -0.57
N PRO A 542 26.93 21.11 -0.71
CA PRO A 542 27.60 22.20 -0.01
C PRO A 542 27.13 23.56 -0.52
N ASP A 543 27.20 24.54 0.38
CA ASP A 543 27.10 25.94 0.03
C ASP A 543 28.50 26.39 -0.39
N VAL A 544 28.73 26.61 -1.69
CA VAL A 544 30.07 26.97 -2.12
C VAL A 544 30.23 28.48 -2.16
N PRO A 545 31.22 29.11 -1.49
CA PRO A 545 31.40 30.56 -1.51
C PRO A 545 31.58 31.13 -2.91
N ALA A 546 31.13 32.37 -3.13
CA ALA A 546 31.07 32.99 -4.47
C ALA A 546 29.96 32.49 -5.42
N PHE A 547 29.18 31.45 -5.08
CA PHE A 547 28.21 30.85 -5.99
C PHE A 547 26.85 30.71 -5.32
N THR A 548 25.78 30.53 -6.12
CA THR A 548 24.47 30.26 -5.57
C THR A 548 24.16 28.80 -5.88
N LYS A 549 23.28 28.16 -5.08
CA LYS A 549 23.06 26.72 -5.24
C LYS A 549 21.59 26.54 -5.62
N GLU A 550 21.27 25.47 -6.40
CA GLU A 550 19.90 25.09 -6.68
C GLU A 550 19.88 23.59 -6.91
N ILE A 551 19.30 22.84 -5.95
CA ILE A 551 19.16 21.39 -6.09
C ILE A 551 17.72 21.09 -6.49
N LYS A 552 17.52 20.26 -7.52
CA LYS A 552 16.19 19.93 -8.02
C LYS A 552 16.19 18.46 -8.42
N ASN A 553 15.12 17.70 -8.13
CA ASN A 553 15.03 16.32 -8.53
C ASN A 553 14.52 16.30 -9.96
N VAL A 554 15.36 16.07 -10.96
CA VAL A 554 14.81 16.17 -12.31
C VAL A 554 14.01 14.92 -12.69
N GLY A 555 14.06 13.89 -11.85
CA GLY A 555 13.37 12.67 -12.19
C GLY A 555 12.02 12.60 -11.48
N THR A 556 11.63 11.39 -11.13
CA THR A 556 10.35 11.11 -10.49
C THR A 556 10.64 10.88 -9.02
N GLU A 557 9.64 10.45 -8.22
CA GLU A 557 9.91 10.14 -6.83
C GLU A 557 10.46 8.71 -6.74
N SER A 558 9.87 7.86 -7.59
CA SER A 558 10.13 6.45 -7.77
C SER A 558 11.38 6.21 -8.62
N ASN A 559 11.90 7.26 -9.21
CA ASN A 559 13.15 7.13 -9.95
C ASN A 559 13.91 8.46 -9.93
N PRO A 560 14.55 8.88 -8.78
CA PRO A 560 15.01 10.26 -8.60
C PRO A 560 16.23 10.44 -9.48
N SER A 561 16.47 11.67 -9.90
CA SER A 561 17.71 12.05 -10.56
C SER A 561 17.91 13.51 -10.18
N PHE A 562 19.05 13.84 -9.58
CA PHE A 562 19.22 15.15 -8.99
C PHE A 562 20.18 15.97 -9.84
N LYS A 563 19.94 17.28 -9.86
CA LYS A 563 20.88 18.18 -10.45
C LYS A 563 21.10 19.34 -9.46
N VAL A 564 22.37 19.81 -9.36
CA VAL A 564 22.80 20.87 -8.48
C VAL A 564 23.51 21.90 -9.32
N ILE A 565 22.98 23.14 -9.38
CA ILE A 565 23.60 24.13 -10.24
C ILE A 565 24.25 25.19 -9.36
N TYR A 566 25.54 25.47 -9.64
CA TYR A 566 26.28 26.52 -8.96
C TYR A 566 26.39 27.70 -9.95
N LYS A 567 25.90 28.89 -9.57
CA LYS A 567 26.06 30.00 -10.48
C LYS A 567 26.76 31.13 -9.76
N GLN A 568 27.81 31.61 -10.40
CA GLN A 568 28.70 32.53 -9.76
C GLN A 568 27.97 33.85 -9.51
N LEU A 569 28.12 34.42 -8.34
CA LEU A 569 27.50 35.66 -7.97
C LEU A 569 28.19 36.83 -8.66
N PRO A 570 27.47 37.94 -8.89
CA PRO A 570 28.08 39.02 -9.67
C PRO A 570 28.86 39.90 -8.72
N SER A 571 29.75 40.71 -9.28
CA SER A 571 30.42 41.65 -8.41
C SER A 571 30.61 43.02 -9.06
N LEU A 572 30.72 44.07 -8.25
CA LEU A 572 30.87 45.43 -8.71
C LEU A 572 32.30 45.93 -8.57
N THR A 573 32.85 46.58 -9.58
CA THR A 573 34.22 47.03 -9.48
C THR A 573 34.16 48.54 -9.55
N ILE A 574 34.96 49.25 -8.74
CA ILE A 574 35.02 50.70 -8.89
C ILE A 574 36.39 51.07 -9.43
N LYS A 575 36.51 51.69 -10.60
CA LYS A 575 37.79 52.21 -11.02
C LYS A 575 37.73 53.69 -10.82
N LYS A 576 38.88 54.32 -10.52
CA LYS A 576 38.99 55.77 -10.55
C LYS A 576 40.05 56.07 -11.61
N VAL A 577 39.76 57.03 -12.50
CA VAL A 577 40.68 57.57 -13.47
C VAL A 577 41.11 58.97 -13.04
N LEU A 578 42.39 59.26 -13.25
CA LEU A 578 43.02 60.47 -12.78
C LEU A 578 43.34 61.38 -13.96
N GLU A 579 42.47 62.36 -14.24
CA GLU A 579 42.80 63.42 -15.18
C GLU A 579 43.53 64.52 -14.42
N ALA A 580 44.35 65.31 -15.13
CA ALA A 580 45.35 66.16 -14.50
C ALA A 580 46.07 65.44 -13.35
N GLU A 581 46.72 64.32 -13.69
CA GLU A 581 47.48 63.48 -12.75
C GLU A 581 48.90 64.00 -12.63
N ASN A 582 49.35 64.19 -11.38
CA ASN A 582 50.71 64.58 -11.08
C ASN A 582 51.23 63.68 -9.96
N ASN A 583 50.69 63.87 -8.76
CA ASN A 583 50.92 62.98 -7.64
C ASN A 583 50.28 61.64 -7.98
N LEU A 584 51.04 60.57 -7.75
CA LEU A 584 50.52 59.23 -7.98
C LEU A 584 50.19 58.61 -6.63
N ASN A 585 50.80 59.15 -5.56
CA ASN A 585 50.64 58.60 -4.21
C ASN A 585 49.49 59.30 -3.49
N LYS A 586 48.36 59.46 -4.20
CA LYS A 586 47.13 60.00 -3.65
C LYS A 586 46.18 58.84 -3.39
N GLU A 587 45.28 58.99 -2.43
CA GLU A 587 44.21 58.06 -2.11
C GLU A 587 42.87 58.81 -2.23
N PHE A 588 41.78 58.12 -2.65
CA PHE A 588 40.46 58.75 -2.82
C PHE A 588 39.40 57.83 -2.23
N ARG A 589 38.43 58.34 -1.48
CA ARG A 589 37.42 57.42 -0.98
C ARG A 589 36.13 57.56 -1.80
N ILE A 590 35.56 56.43 -2.21
CA ILE A 590 34.33 56.39 -2.99
C ILE A 590 33.25 55.64 -2.21
N LYS A 591 32.06 56.24 -2.05
CA LYS A 591 30.97 55.59 -1.32
C LYS A 591 30.07 54.75 -2.24
N VAL A 592 29.53 53.66 -1.72
CA VAL A 592 28.67 52.82 -2.53
C VAL A 592 27.48 52.39 -1.67
N LYS A 593 26.25 52.78 -2.05
CA LYS A 593 25.09 52.32 -1.31
C LYS A 593 24.50 51.12 -2.02
N LEU A 594 24.28 50.04 -1.26
CA LEU A 594 23.93 48.75 -1.80
C LEU A 594 22.61 48.28 -1.22
N THR A 595 21.56 48.24 -2.03
CA THR A 595 20.27 47.82 -1.54
C THR A 595 19.99 46.49 -2.18
N SER A 596 19.79 45.45 -1.37
CA SER A 596 19.67 44.07 -1.83
C SER A 596 18.24 43.78 -2.33
N PRO A 597 18.00 42.68 -3.08
CA PRO A 597 16.64 42.22 -3.35
C PRO A 597 15.83 42.11 -2.06
N ASP A 598 14.50 42.20 -2.22
CA ASP A 598 13.54 42.42 -1.14
C ASP A 598 13.50 43.92 -0.79
N SER A 599 14.19 44.73 -1.60
CA SER A 599 14.32 46.18 -1.43
C SER A 599 14.79 46.56 -0.01
N LYS A 600 15.54 45.64 0.62
CA LYS A 600 16.06 45.75 1.97
C LYS A 600 17.56 46.00 1.88
N PRO A 601 18.18 46.83 2.77
CA PRO A 601 19.62 47.08 2.69
C PRO A 601 20.46 45.84 3.01
N LEU A 602 21.75 45.89 2.67
CA LEU A 602 22.59 44.70 2.63
C LEU A 602 23.56 44.66 3.82
N ASN A 603 23.90 43.46 4.29
CA ASN A 603 24.92 43.33 5.33
C ASN A 603 25.83 42.13 5.05
N GLY A 604 27.14 42.33 5.16
CA GLY A 604 28.14 41.27 4.98
C GLY A 604 29.52 41.82 4.61
N THR A 605 30.47 40.89 4.37
CA THR A 605 31.74 41.28 3.75
C THR A 605 32.01 40.52 2.45
N PHE A 606 32.67 41.23 1.52
CA PHE A 606 32.65 40.97 0.09
C PHE A 606 34.00 41.40 -0.46
N GLY A 607 34.94 40.47 -0.49
CA GLY A 607 36.31 40.86 -0.80
C GLY A 607 37.01 41.54 0.38
N GLU A 608 37.68 42.67 0.12
CA GLU A 608 38.18 43.47 1.22
C GLU A 608 37.17 44.56 1.61
N ILE A 609 35.91 44.43 1.20
CA ILE A 609 34.98 45.53 1.40
C ILE A 609 33.78 45.05 2.21
N THR A 610 33.54 45.77 3.32
CA THR A 610 32.58 45.40 4.34
C THR A 610 31.37 46.32 4.28
N VAL A 611 30.17 45.71 4.41
CA VAL A 611 28.90 46.32 4.09
C VAL A 611 27.98 46.31 5.30
N VAL A 612 27.58 47.52 5.72
CA VAL A 612 26.68 47.72 6.85
C VAL A 612 25.51 48.63 6.47
N ASN A 613 24.31 48.08 6.67
CA ASN A 613 23.05 48.73 6.35
C ASN A 613 23.10 49.27 4.94
N GLY A 614 23.72 48.49 4.07
CA GLY A 614 23.83 48.85 2.67
C GLY A 614 24.76 50.05 2.40
N GLU A 615 25.82 50.21 3.21
CA GLU A 615 26.79 51.25 2.89
C GLU A 615 28.15 50.59 2.83
N ALA A 616 29.10 51.17 2.09
CA ALA A 616 30.43 50.59 1.95
C ALA A 616 31.36 51.62 1.32
N GLU A 617 32.64 51.60 1.68
CA GLU A 617 33.53 52.69 1.27
C GLU A 617 34.82 52.09 0.70
N ILE A 618 35.25 52.59 -0.45
CA ILE A 618 36.41 52.03 -1.13
C ILE A 618 37.46 53.11 -1.18
N ARG A 619 38.67 52.79 -0.70
CA ARG A 619 39.81 53.70 -0.78
C ARG A 619 40.70 53.24 -1.93
N VAL A 620 40.92 54.10 -2.93
CA VAL A 620 41.64 53.70 -4.14
C VAL A 620 42.97 54.44 -4.20
N GLU A 621 44.02 53.74 -4.63
CA GLU A 621 45.34 54.35 -4.73
C GLU A 621 46.19 53.59 -5.75
N LYS A 622 47.35 54.15 -6.10
CA LYS A 622 48.18 53.65 -7.20
C LYS A 622 48.50 52.16 -7.02
N ARG A 623 48.89 51.78 -5.80
CA ARG A 623 49.34 50.42 -5.56
C ARG A 623 48.15 49.47 -5.58
N LYS A 624 46.92 49.97 -5.55
CA LYS A 624 45.75 49.12 -5.64
C LYS A 624 45.24 49.11 -7.08
N ARG A 625 46.06 49.60 -8.01
CA ARG A 625 45.69 49.69 -9.40
C ARG A 625 44.48 50.63 -9.57
N TRP A 626 44.25 51.53 -8.62
CA TRP A 626 43.16 52.50 -8.69
C TRP A 626 41.80 51.81 -8.82
N ARG A 627 41.67 50.65 -8.18
CA ARG A 627 40.48 49.85 -8.31
C ARG A 627 40.09 49.33 -6.93
N GLY A 628 38.85 48.91 -6.77
CA GLY A 628 38.39 48.18 -5.60
C GLY A 628 37.26 47.28 -6.07
N ILE A 629 37.09 46.10 -5.46
CA ILE A 629 36.09 45.18 -5.99
C ILE A 629 35.21 44.71 -4.84
N LEU A 630 33.89 44.91 -4.97
CA LEU A 630 32.94 44.32 -4.04
C LEU A 630 32.55 43.01 -4.65
N SER A 631 33.14 41.92 -4.16
CA SER A 631 33.05 40.64 -4.85
C SER A 631 31.87 39.80 -4.40
N TYR A 632 31.30 39.06 -5.35
CA TYR A 632 30.21 38.13 -5.13
C TYR A 632 29.11 38.71 -4.25
N LEU A 633 28.50 39.85 -4.68
CA LEU A 633 27.36 40.47 -4.01
C LEU A 633 26.15 39.68 -4.42
N PRO A 634 25.00 39.78 -3.70
CA PRO A 634 23.77 39.06 -4.11
C PRO A 634 23.24 39.45 -5.48
N ARG A 635 22.66 38.46 -6.19
CA ARG A 635 22.13 38.74 -7.55
C ARG A 635 21.08 39.85 -7.56
N GLY A 636 21.18 40.75 -8.53
CA GLY A 636 20.20 41.83 -8.63
C GLY A 636 20.35 42.89 -7.54
N THR A 637 21.49 42.97 -6.82
CA THR A 637 21.67 44.02 -5.83
C THR A 637 21.74 45.36 -6.53
N HIS A 638 21.05 46.32 -5.97
CA HIS A 638 21.05 47.62 -6.60
C HIS A 638 22.20 48.41 -5.96
N TYR A 639 22.94 49.15 -6.78
CA TYR A 639 24.04 49.93 -6.24
C TYR A 639 23.95 51.37 -6.70
N LYS A 640 24.55 52.30 -5.94
CA LYS A 640 24.59 53.71 -6.31
C LYS A 640 25.88 54.30 -5.75
N VAL A 641 26.71 54.85 -6.63
CA VAL A 641 28.06 55.29 -6.33
C VAL A 641 28.04 56.80 -6.13
N GLU A 642 28.96 57.33 -5.30
CA GLU A 642 29.24 58.76 -5.07
C GLU A 642 30.61 58.90 -4.39
N GLU A 643 31.56 59.67 -4.95
CA GLU A 643 32.83 59.96 -4.26
C GLU A 643 32.58 60.79 -2.98
N GLU A 644 33.34 60.49 -1.90
CA GLU A 644 33.22 61.18 -0.61
C GLU A 644 33.68 62.63 -0.79
N ALA A 645 32.96 63.57 -0.14
CA ALA A 645 33.10 65.02 -0.29
C ALA A 645 34.57 65.46 -0.20
N ALA A 646 35.23 65.07 0.89
CA ALA A 646 36.63 65.39 1.11
C ALA A 646 37.49 65.16 -0.14
N SER A 647 37.35 63.98 -0.79
CA SER A 647 38.17 63.55 -1.92
C SER A 647 37.84 64.28 -3.23
N THR A 648 36.73 65.06 -3.24
CA THR A 648 36.36 65.85 -4.40
C THR A 648 36.97 67.25 -4.36
N ASN A 649 38.06 67.41 -3.59
CA ASN A 649 38.73 68.70 -3.41
C ASN A 649 39.76 68.90 -4.52
N GLY A 650 39.66 70.00 -5.26
CA GLY A 650 40.63 70.27 -6.32
C GLY A 650 40.21 69.70 -7.67
N TYR A 651 39.06 68.97 -7.69
CA TYR A 651 38.74 68.05 -8.77
C TYR A 651 37.28 68.18 -9.17
N HIS A 652 36.99 68.10 -10.46
CA HIS A 652 35.63 68.03 -10.95
C HIS A 652 35.34 66.57 -11.29
N VAL A 653 34.33 65.97 -10.66
CA VAL A 653 34.24 64.52 -10.65
C VAL A 653 33.00 64.10 -11.43
N THR A 654 33.26 63.43 -12.58
CA THR A 654 32.25 62.87 -13.46
C THR A 654 32.14 61.38 -13.16
N TYR A 655 31.15 60.67 -13.70
CA TYR A 655 30.84 59.31 -13.28
C TYR A 655 30.32 58.45 -14.43
N GLU A 656 30.64 57.14 -14.47
CA GLU A 656 30.10 56.18 -15.42
C GLU A 656 29.54 54.98 -14.63
N ASN A 657 28.51 54.29 -15.11
CA ASN A 657 27.75 53.28 -14.39
C ASN A 657 27.56 53.63 -12.92
N GLN A 658 27.09 54.81 -12.59
CA GLN A 658 27.05 55.23 -11.22
C GLN A 658 25.89 54.59 -10.46
N GLU A 659 25.02 53.82 -11.09
CA GLU A 659 23.83 53.29 -10.45
C GLU A 659 23.23 52.24 -11.37
N GLY A 660 22.63 51.21 -10.79
CA GLY A 660 22.03 50.16 -11.62
C GLY A 660 21.71 48.93 -10.79
N ASP A 661 21.44 47.80 -11.43
CA ASP A 661 21.25 46.55 -10.74
C ASP A 661 22.31 45.59 -11.24
N LEU A 662 22.78 44.70 -10.34
CA LEU A 662 23.91 43.80 -10.55
C LEU A 662 23.41 42.42 -10.96
N ASN A 663 23.25 42.22 -12.26
CA ASN A 663 22.71 40.99 -12.81
C ASN A 663 23.82 40.31 -13.59
N LYS A 664 24.89 41.07 -13.75
CA LYS A 664 26.09 40.66 -14.42
C LYS A 664 27.14 41.47 -13.69
N ASP A 665 28.41 41.28 -14.02
CA ASP A 665 29.47 42.00 -13.36
C ASP A 665 29.43 43.40 -13.95
N GLU A 666 29.31 44.39 -13.08
CA GLU A 666 29.37 45.77 -13.52
C GLU A 666 30.70 46.45 -13.14
N THR A 667 31.14 47.46 -13.91
CA THR A 667 32.24 48.32 -13.50
C THR A 667 31.77 49.77 -13.52
N SER A 668 31.76 50.41 -12.34
CA SER A 668 31.50 51.83 -12.22
C SER A 668 32.82 52.61 -12.24
N THR A 669 32.86 53.79 -12.89
CA THR A 669 34.12 54.50 -13.08
C THR A 669 34.04 55.97 -12.67
N VAL A 670 34.84 56.34 -11.67
CA VAL A 670 34.88 57.73 -11.19
C VAL A 670 36.08 58.42 -11.82
N THR A 671 35.86 59.28 -12.80
CA THR A 671 36.93 60.07 -13.39
C THR A 671 37.03 61.40 -12.64
N ASN A 672 38.25 61.90 -12.46
CA ASN A 672 38.45 63.18 -11.76
C ASN A 672 39.32 64.11 -12.56
N HIS A 673 38.85 65.35 -12.74
CA HIS A 673 39.59 66.36 -13.50
C HIS A 673 40.11 67.41 -12.53
N LYS A 674 41.42 67.44 -12.30
CA LYS A 674 41.99 68.49 -11.45
C LYS A 674 41.72 69.86 -12.09
N LEU A 675 41.27 70.79 -11.23
CA LEU A 675 40.87 72.09 -11.70
C LEU A 675 42.08 73.02 -11.60
N PRO A 676 42.22 74.03 -12.49
CA PRO A 676 43.27 75.02 -12.39
C PRO A 676 43.43 75.65 -11.01
N SER A 677 44.62 76.18 -10.75
CA SER A 677 44.91 76.81 -9.49
C SER A 677 45.70 78.07 -9.80
N LEU A 678 45.46 79.13 -9.05
CA LEU A 678 46.26 80.34 -9.16
C LEU A 678 47.18 80.44 -7.95
N SER A 679 48.46 80.76 -8.18
CA SER A 679 49.38 80.96 -7.08
C SER A 679 49.86 82.38 -7.18
N VAL A 680 49.93 83.10 -6.05
CA VAL A 680 50.48 84.45 -6.05
C VAL A 680 51.60 84.52 -5.02
N THR A 681 52.77 85.07 -5.42
CA THR A 681 53.95 85.17 -4.58
C THR A 681 54.37 86.62 -4.40
N LYS A 682 54.72 87.02 -3.18
CA LYS A 682 55.17 88.37 -2.92
C LYS A 682 56.67 88.38 -2.66
N LYS A 683 57.42 89.13 -3.49
CA LYS A 683 58.85 89.33 -3.29
C LYS A 683 59.11 90.80 -2.97
N VAL A 684 60.04 91.06 -2.03
CA VAL A 684 60.37 92.43 -1.65
C VAL A 684 61.85 92.69 -1.94
N THR A 685 62.16 93.93 -2.30
CA THR A 685 63.54 94.35 -2.55
C THR A 685 63.83 95.67 -1.82
N GLY A 686 64.92 95.66 -1.02
CA GLY A 686 65.38 96.80 -0.24
C GLY A 686 65.28 96.57 1.27
N VAL A 687 65.10 95.31 1.68
CA VAL A 687 64.87 94.94 3.06
C VAL A 687 65.46 93.55 3.22
N PHE A 688 65.73 93.06 4.47
CA PHE A 688 66.08 91.63 4.66
C PHE A 688 65.12 90.71 5.47
N ALA A 689 64.64 91.05 6.68
CA ALA A 689 63.66 90.17 7.34
C ALA A 689 62.72 90.96 8.23
N ASN A 690 61.41 90.75 8.19
CA ASN A 690 60.57 91.83 8.68
C ASN A 690 59.20 91.37 9.17
N LEU A 691 58.55 92.28 9.94
CA LEU A 691 57.24 92.01 10.55
C LEU A 691 56.21 92.92 9.89
N LEU A 692 56.71 93.97 9.24
CA LEU A 692 55.89 94.96 8.55
C LEU A 692 55.46 94.39 7.20
N LYS A 693 55.20 93.08 7.15
CA LYS A 693 55.35 92.44 5.88
C LYS A 693 54.00 92.13 5.24
N SER A 694 52.89 92.28 5.96
CA SER A 694 51.62 91.95 5.33
C SER A 694 51.28 92.92 4.20
N PHE A 695 51.42 92.46 2.94
CA PHE A 695 50.98 93.23 1.79
C PHE A 695 49.65 92.67 1.28
N LYS A 696 48.65 93.56 1.18
CA LYS A 696 47.29 93.18 0.85
C LYS A 696 47.11 93.27 -0.66
N ILE A 697 46.67 92.16 -1.25
CA ILE A 697 46.69 91.96 -2.69
C ILE A 697 45.34 91.42 -3.10
N THR A 698 44.75 92.00 -4.15
CA THR A 698 43.39 91.69 -4.57
C THR A 698 43.44 90.86 -5.84
N ILE A 699 42.67 89.78 -5.83
CA ILE A 699 42.52 88.93 -7.00
C ILE A 699 41.10 89.10 -7.50
N ASN A 700 40.96 89.38 -8.81
CA ASN A 700 39.68 89.38 -9.51
C ASN A 700 39.63 88.23 -10.50
N ILE A 701 38.59 87.40 -10.37
CA ILE A 701 38.37 86.30 -11.29
C ILE A 701 36.97 86.38 -11.89
N ARG A 702 36.95 86.20 -13.20
CA ARG A 702 35.72 86.01 -13.96
C ARG A 702 35.74 84.58 -14.46
N ASP A 703 34.60 83.91 -14.38
CA ASP A 703 34.47 82.56 -14.88
C ASP A 703 34.69 82.53 -16.40
N ALA A 704 34.59 81.34 -17.03
CA ALA A 704 34.69 81.26 -18.48
C ALA A 704 33.48 81.98 -19.07
N GLN A 705 32.40 81.98 -18.27
CA GLN A 705 31.14 82.56 -18.70
C GLN A 705 31.20 84.08 -18.62
N ASN A 706 32.38 84.64 -18.33
CA ASN A 706 32.58 86.08 -18.21
C ASN A 706 32.02 86.59 -16.87
N SER A 707 31.55 85.67 -16.02
CA SER A 707 30.76 86.03 -14.86
C SER A 707 31.64 86.15 -13.62
N PRO A 708 31.52 87.25 -12.84
CA PRO A 708 32.27 87.42 -11.59
C PRO A 708 32.06 86.22 -10.67
N LEU A 709 33.17 85.74 -10.10
CA LEU A 709 33.22 84.54 -9.29
C LEU A 709 32.62 84.87 -7.94
N ASN A 710 32.05 83.86 -7.28
CA ASN A 710 31.36 84.10 -6.01
C ASN A 710 31.34 82.80 -5.22
N GLY A 711 31.58 82.93 -3.90
CA GLY A 711 31.78 81.77 -3.03
C GLY A 711 33.22 81.56 -2.53
N THR A 712 33.43 80.47 -1.79
CA THR A 712 34.69 80.30 -1.11
C THR A 712 35.51 79.21 -1.83
N TYR A 713 36.84 79.42 -1.97
CA TYR A 713 37.77 78.41 -2.48
C TYR A 713 38.92 78.18 -1.52
N THR A 714 39.46 76.95 -1.58
CA THR A 714 40.60 76.59 -0.75
C THR A 714 41.89 77.24 -1.24
N ALA A 715 42.47 78.00 -0.33
CA ALA A 715 43.76 78.59 -0.54
C ALA A 715 44.71 78.02 0.52
N THR A 716 45.85 77.47 0.11
CA THR A 716 46.90 77.13 1.06
C THR A 716 47.90 78.28 1.19
N VAL A 717 48.11 78.78 2.42
CA VAL A 717 49.25 79.62 2.76
C VAL A 717 50.07 78.91 3.81
N ASN A 718 51.39 78.74 3.58
CA ASN A 718 52.29 78.31 4.63
C ASN A 718 51.88 76.93 5.12
N ASN A 719 51.58 76.06 4.15
CA ASN A 719 51.11 74.69 4.36
C ASN A 719 49.94 74.66 5.34
N LYS A 720 48.99 75.56 5.15
CA LYS A 720 47.82 75.67 6.01
C LYS A 720 46.59 76.00 5.16
N ARG A 721 45.84 74.99 4.71
CA ARG A 721 44.56 75.19 4.02
C ARG A 721 43.72 76.24 4.73
N THR A 722 43.13 77.16 3.94
CA THR A 722 42.30 78.26 4.42
C THR A 722 41.17 78.54 3.42
N PRO A 723 39.95 78.90 3.89
CA PRO A 723 38.90 79.39 3.00
C PRO A 723 39.09 80.81 2.47
N LEU A 724 39.07 80.97 1.17
CA LEU A 724 39.11 82.31 0.64
C LEU A 724 37.76 82.60 0.02
N GLN A 725 37.11 83.68 0.46
CA GLN A 725 35.78 84.04 -0.04
C GLN A 725 35.97 85.03 -1.19
N PHE A 726 35.39 84.70 -2.34
CA PHE A 726 35.30 85.63 -3.45
C PHE A 726 33.91 86.26 -3.48
N THR A 727 33.86 87.61 -3.55
CA THR A 727 32.60 88.28 -3.64
C THR A 727 32.63 89.19 -4.85
N ASN A 728 31.77 88.90 -5.85
CA ASN A 728 31.70 89.67 -7.08
C ASN A 728 33.07 89.62 -7.74
N GLY A 729 33.73 88.46 -7.57
CA GLY A 729 34.93 88.07 -8.32
C GLY A 729 36.18 88.68 -7.70
N ARG A 730 36.04 89.23 -6.49
CA ARG A 730 37.15 89.87 -5.81
C ARG A 730 37.38 89.15 -4.49
N ALA A 731 38.63 88.81 -4.25
CA ALA A 731 39.02 88.37 -2.92
C ALA A 731 40.28 89.14 -2.59
N SER A 732 40.66 89.14 -1.30
CA SER A 732 41.97 89.67 -0.99
C SER A 732 42.80 88.74 -0.11
N ILE A 733 44.13 88.86 -0.23
CA ILE A 733 45.08 88.04 0.50
C ILE A 733 46.15 88.96 1.06
N ASP A 734 46.78 88.53 2.17
CA ASP A 734 47.94 89.20 2.76
C ASP A 734 49.14 88.29 2.62
N LEU A 735 50.16 88.78 1.92
CA LEU A 735 51.39 88.03 1.72
C LEU A 735 52.57 88.74 2.41
N ASN A 736 53.46 87.93 2.99
CA ASN A 736 54.71 88.40 3.58
C ASN A 736 55.82 88.19 2.56
N LYS A 737 56.95 88.85 2.79
CA LYS A 737 58.13 88.69 1.95
C LYS A 737 58.35 87.22 1.62
N ASP A 738 58.28 86.88 0.33
CA ASP A 738 58.63 85.58 -0.22
C ASP A 738 57.65 84.49 0.20
N GLN A 739 56.34 84.81 0.24
CA GLN A 739 55.26 83.89 0.53
C GLN A 739 54.39 83.69 -0.71
N THR A 740 53.74 82.51 -0.81
CA THR A 740 52.82 82.16 -1.89
C THR A 740 51.49 81.67 -1.34
N ILE A 741 50.44 81.76 -2.16
CA ILE A 741 49.10 81.31 -1.86
C ILE A 741 48.60 80.54 -3.07
N LYS A 742 48.18 79.30 -2.84
CA LYS A 742 47.71 78.54 -3.97
C LYS A 742 46.22 78.40 -3.82
N ILE A 743 45.46 79.17 -4.62
CA ILE A 743 44.01 79.06 -4.63
C ILE A 743 43.64 77.87 -5.52
N ASP A 744 42.95 76.86 -4.96
CA ASP A 744 42.73 75.59 -5.63
C ASP A 744 41.25 75.44 -5.96
N GLY A 745 40.98 74.92 -7.16
CA GLY A 745 39.65 74.46 -7.47
C GLY A 745 38.93 75.54 -8.26
N LEU A 746 39.69 76.29 -9.04
CA LEU A 746 39.07 77.40 -9.70
C LEU A 746 38.53 76.87 -11.02
N PRO A 747 37.41 77.42 -11.51
CA PRO A 747 36.79 76.94 -12.75
C PRO A 747 37.73 77.01 -13.95
N LEU A 748 37.66 76.00 -14.84
CA LEU A 748 38.48 75.95 -16.04
C LEU A 748 38.19 77.14 -16.95
N ASP A 749 39.25 77.68 -17.53
CA ASP A 749 39.15 78.75 -18.51
C ASP A 749 38.65 80.05 -17.90
N SER A 750 38.67 80.17 -16.57
CA SER A 750 38.36 81.48 -16.00
C SER A 750 39.55 82.42 -16.19
N HIS A 751 39.33 83.72 -16.01
CA HIS A 751 40.39 84.70 -16.21
C HIS A 751 40.58 85.52 -14.94
N TYR A 752 41.84 85.89 -14.67
CA TYR A 752 42.18 86.48 -13.38
C TYR A 752 42.98 87.76 -13.55
N THR A 753 42.89 88.62 -12.53
CA THR A 753 43.78 89.76 -12.40
C THR A 753 44.23 89.92 -10.95
N VAL A 754 45.52 90.24 -10.77
CA VAL A 754 46.09 90.47 -9.45
C VAL A 754 46.51 91.94 -9.38
N GLU A 755 46.21 92.60 -8.27
CA GLU A 755 46.64 93.98 -8.07
C GLU A 755 46.86 94.20 -6.57
N GLU A 756 47.65 95.22 -6.24
CA GLU A 756 47.99 95.43 -4.84
C GLU A 756 47.18 96.61 -4.33
N GLU A 757 46.47 96.44 -3.21
CA GLU A 757 45.72 97.52 -2.55
C GLU A 757 46.63 98.74 -2.40
N THR A 758 46.12 99.92 -2.74
CA THR A 758 46.98 101.10 -2.87
C THR A 758 47.61 101.52 -1.54
N ASN A 759 46.93 101.27 -0.42
CA ASN A 759 47.50 101.69 0.85
C ASN A 759 48.65 100.80 1.26
N SER A 760 48.59 99.53 0.82
CA SER A 760 49.65 98.59 1.11
C SER A 760 50.91 98.89 0.30
N SER A 761 50.78 99.72 -0.75
CA SER A 761 51.91 100.10 -1.58
C SER A 761 52.57 101.38 -1.07
N ARG A 762 52.88 101.42 0.24
CA ARG A 762 53.34 102.61 0.95
C ARG A 762 54.80 102.93 0.66
N GLY A 763 55.07 103.67 -0.43
CA GLY A 763 56.41 104.09 -0.80
C GLY A 763 57.22 102.92 -1.37
N TYR A 764 56.56 102.19 -2.27
CA TYR A 764 57.11 100.99 -2.88
C TYR A 764 56.82 101.00 -4.37
N GLN A 765 57.87 100.84 -5.18
CA GLN A 765 57.72 100.56 -6.60
C GLN A 765 57.27 99.11 -6.73
N VAL A 766 56.00 98.91 -7.17
CA VAL A 766 55.38 97.60 -7.27
C VAL A 766 55.44 97.14 -8.72
N SER A 767 56.01 95.96 -8.94
CA SER A 767 56.11 95.40 -10.27
C SER A 767 55.43 94.02 -10.26
N TYR A 768 54.98 93.55 -11.42
CA TYR A 768 54.19 92.34 -11.43
C TYR A 768 54.70 91.36 -12.50
N GLU A 769 54.51 90.05 -12.29
CA GLU A 769 54.72 89.08 -13.35
C GLU A 769 53.49 88.20 -13.47
N ASN A 770 53.02 87.97 -14.71
CA ASN A 770 51.79 87.26 -15.01
C ASN A 770 50.56 87.91 -14.38
N GLN A 771 50.45 89.25 -14.49
CA GLN A 771 49.51 89.99 -13.67
C GLN A 771 48.06 89.60 -13.98
N GLU A 772 47.83 89.15 -15.22
CA GLU A 772 46.53 88.68 -15.66
C GLU A 772 46.74 87.39 -16.46
N GLY A 773 45.69 86.61 -16.69
CA GLY A 773 45.92 85.37 -17.41
C GLY A 773 44.70 84.46 -17.44
N LYS A 774 44.78 83.39 -18.23
CA LYS A 774 43.66 82.48 -18.37
C LYS A 774 43.99 81.25 -17.57
N LEU A 775 43.01 80.72 -16.84
CA LEU A 775 43.30 79.57 -16.02
C LEU A 775 42.95 78.30 -16.81
N ASP A 776 43.79 78.00 -17.80
CA ASP A 776 43.62 76.74 -18.53
C ASP A 776 44.41 75.63 -17.83
N GLY A 777 45.39 76.02 -17.02
CA GLY A 777 46.03 75.11 -16.09
C GLY A 777 46.52 75.85 -14.84
N ASP A 778 47.46 75.25 -14.11
CA ASP A 778 48.08 75.92 -12.98
C ASP A 778 48.85 77.13 -13.49
N LYS A 779 48.38 78.31 -13.09
CA LYS A 779 49.07 79.55 -13.37
C LYS A 779 49.56 80.14 -12.05
N SER A 780 50.54 81.03 -12.20
CA SER A 780 51.20 81.63 -11.08
C SER A 780 51.49 83.07 -11.45
N ALA A 781 51.36 83.98 -10.47
CA ALA A 781 51.73 85.37 -10.58
C ALA A 781 52.73 85.74 -9.48
N THR A 782 53.46 86.84 -9.69
CA THR A 782 54.35 87.40 -8.68
C THR A 782 54.13 88.90 -8.59
N VAL A 783 54.09 89.46 -7.38
CA VAL A 783 54.15 90.88 -7.12
C VAL A 783 55.51 91.17 -6.50
N THR A 784 56.26 92.12 -7.07
CA THR A 784 57.55 92.54 -6.50
C THR A 784 57.42 93.92 -5.86
N ASN A 785 58.24 94.21 -4.83
CA ASN A 785 58.26 95.49 -4.11
C ASN A 785 59.69 96.07 -4.06
N ASN A 786 59.84 97.41 -4.17
CA ASN A 786 61.14 98.06 -4.04
C ASN A 786 60.99 99.35 -3.26
N LYS A 787 61.56 99.37 -2.04
CA LYS A 787 61.42 100.48 -1.13
C LYS A 787 62.35 101.63 -1.54
#